data_5YSS
#
_entry.id   5YSS
#
_cell.length_a   62.470
_cell.length_b   148.259
_cell.length_c   62.382
_cell.angle_alpha   90.00
_cell.angle_beta   101.47
_cell.angle_gamma   90.00
#
_symmetry.space_group_name_H-M   'P 1 21 1'
#
loop_
_entity.id
_entity.type
_entity.pdbx_description
1 polymer '3-hydroxybutyrate dehydrogenase'
2 non-polymer NICOTINAMIDE-ADENINE-DINUCLEOTIDE
3 water water
#
_entity_poly.entity_id   1
_entity_poly.type   'polypeptide(L)'
_entity_poly.pdbx_seq_one_letter_code
;MNLTGKTALVTGSTSGIGLGIAQVLAQAGATLILNGFGDVDAAKDAVAQYGKTPGYHGADLSDEAQIADMMRYAESEFGG
VDILINNAGIQHVSPIETFPVDKWNAIIAINLSSVFHTTRLALPGMRARNWGRIINIASVHGLVASKEKSAYVAAKHGVV
GLTKTIALETAQTEITCNALCPGWVLTPLVQQQIDKRIAEGAEPEAARDALLAEKQPSREFVTPEQLGNLALFLCSDGAA
QVRGVAWNMDGGWVAQ
;
_entity_poly.pdbx_strand_id   A,B,C,D
#
loop_
_chem_comp.id
_chem_comp.type
_chem_comp.name
_chem_comp.formula
NAD non-polymer NICOTINAMIDE-ADENINE-DINUCLEOTIDE 'C21 H27 N7 O14 P2'
#
# COMPACT_ATOMS: atom_id res chain seq x y z
N ASN A 2 28.99 13.23 15.54
CA ASN A 2 27.72 12.68 15.10
C ASN A 2 27.67 11.17 15.31
N LEU A 3 28.32 10.43 14.44
CA LEU A 3 28.31 8.96 14.52
C LEU A 3 29.58 8.40 15.14
N THR A 4 30.45 9.30 15.60
CA THR A 4 31.69 8.91 16.27
C THR A 4 31.45 7.89 17.38
N GLY A 5 32.24 6.82 17.38
CA GLY A 5 32.05 5.76 18.35
C GLY A 5 31.15 4.62 17.89
N LYS A 6 30.31 4.86 16.89
CA LYS A 6 29.40 3.81 16.42
C LYS A 6 30.07 2.98 15.33
N THR A 7 29.89 1.66 15.42
CA THR A 7 30.37 0.74 14.40
C THR A 7 29.26 0.40 13.42
N ALA A 8 29.53 0.58 12.14
CA ALA A 8 28.55 0.29 11.10
C ALA A 8 29.05 -0.85 10.23
N LEU A 9 28.21 -1.85 10.05
CA LEU A 9 28.51 -2.90 9.09
C LEU A 9 27.60 -2.75 7.88
N VAL A 10 28.21 -2.74 6.71
CA VAL A 10 27.46 -2.61 5.47
C VAL A 10 27.78 -3.81 4.61
N THR A 11 26.78 -4.65 4.36
CA THR A 11 27.03 -5.82 3.51
C THR A 11 27.11 -5.37 2.05
N GLY A 12 27.96 -6.04 1.27
CA GLY A 12 28.14 -5.69 -0.13
C GLY A 12 28.59 -4.25 -0.33
N SER A 13 29.69 -3.86 0.29
CA SER A 13 30.08 -2.46 0.28
C SER A 13 31.43 -2.24 -0.42
N THR A 14 31.90 -3.23 -1.16
CA THR A 14 33.12 -3.05 -1.94
C THR A 14 32.83 -2.35 -3.26
N SER A 15 31.55 -2.11 -3.57
CA SER A 15 31.20 -1.30 -4.73
C SER A 15 29.79 -0.71 -4.65
N GLY A 16 29.51 0.24 -5.54
CA GLY A 16 28.16 0.74 -5.79
C GLY A 16 27.43 1.40 -4.64
N ILE A 17 26.16 1.03 -4.48
CA ILE A 17 25.32 1.59 -3.44
C ILE A 17 25.95 1.44 -2.05
N GLY A 18 26.44 0.24 -1.75
CA GLY A 18 27.00 -0.04 -0.44
C GLY A 18 28.23 0.81 -0.12
N LEU A 19 29.03 1.09 -1.15
CA LEU A 19 30.25 1.87 -0.99
C LEU A 19 29.93 3.35 -0.79
N GLY A 20 28.93 3.83 -1.51
CA GLY A 20 28.42 5.18 -1.32
C GLY A 20 27.88 5.40 0.07
N ILE A 21 27.10 4.46 0.60
CA ILE A 21 26.58 4.56 1.96
C ILE A 21 27.71 4.45 2.99
N ALA A 22 28.67 3.57 2.77
CA ALA A 22 29.80 3.43 3.68
C ALA A 22 30.58 4.74 3.78
N GLN A 23 30.81 5.38 2.63
CA GLN A 23 31.52 6.64 2.61
C GLN A 23 30.77 7.74 3.36
N VAL A 24 29.45 7.82 3.18
CA VAL A 24 28.70 8.86 3.89
C VAL A 24 28.71 8.61 5.42
N LEU A 25 28.67 7.35 5.84
CA LEU A 25 28.71 7.05 7.27
C LEU A 25 30.11 7.36 7.84
N ALA A 26 31.14 7.05 7.07
CA ALA A 26 32.51 7.29 7.51
C ALA A 26 32.76 8.78 7.75
N GLN A 27 32.32 9.63 6.82
CA GLN A 27 32.57 11.05 6.99
C GLN A 27 31.74 11.63 8.14
N ALA A 28 30.68 10.92 8.53
CA ALA A 28 29.87 11.32 9.68
C ALA A 28 30.46 10.83 11.01
N GLY A 29 31.57 10.09 10.93
CA GLY A 29 32.33 9.72 12.12
C GLY A 29 32.31 8.26 12.49
N ALA A 30 31.50 7.49 11.76
CA ALA A 30 31.28 6.09 12.06
C ALA A 30 32.49 5.22 11.73
N THR A 31 32.64 4.14 12.49
CA THR A 31 33.64 3.13 12.16
C THR A 31 33.01 2.03 11.30
N LEU A 32 33.55 1.84 10.11
CA LEU A 32 32.93 0.93 9.16
C LEU A 32 33.61 -0.43 9.07
N ILE A 33 32.77 -1.41 8.76
CA ILE A 33 33.18 -2.76 8.41
C ILE A 33 32.57 -3.02 7.07
N LEU A 34 33.42 -3.20 6.07
CA LEU A 34 32.95 -3.46 4.73
C LEU A 34 32.86 -4.95 4.54
N ASN A 35 32.19 -5.35 3.47
CA ASN A 35 31.97 -6.75 3.11
C ASN A 35 31.67 -6.78 1.63
N GLY A 36 31.97 -7.89 0.98
CA GLY A 36 31.75 -8.01 -0.45
C GLY A 36 33.02 -8.49 -1.12
N PHE A 37 32.99 -8.59 -2.44
CA PHE A 37 34.14 -9.10 -3.18
C PHE A 37 34.62 -8.03 -4.15
N GLY A 38 35.68 -8.34 -4.88
CA GLY A 38 36.21 -7.40 -5.86
C GLY A 38 37.43 -6.70 -5.33
N ASP A 39 37.63 -5.45 -5.75
CA ASP A 39 38.81 -4.70 -5.37
C ASP A 39 38.67 -4.14 -3.96
N VAL A 40 39.00 -4.97 -2.97
CA VAL A 40 38.79 -4.65 -1.56
C VAL A 40 39.64 -3.47 -1.08
N ASP A 41 40.91 -3.45 -1.48
CA ASP A 41 41.84 -2.41 -1.03
C ASP A 41 41.45 -1.05 -1.59
N ALA A 42 40.89 -1.04 -2.79
CA ALA A 42 40.34 0.19 -3.36
C ALA A 42 39.16 0.67 -2.53
N ALA A 43 38.33 -0.29 -2.12
CA ALA A 43 37.13 0.01 -1.34
C ALA A 43 37.49 0.56 0.04
N LYS A 44 38.44 -0.08 0.69
CA LYS A 44 38.98 0.42 1.96
C LYS A 44 39.53 1.85 1.81
N ASP A 45 40.38 2.06 0.81
CA ASP A 45 40.97 3.37 0.56
C ASP A 45 39.89 4.42 0.27
N ALA A 46 38.88 4.01 -0.50
CA ALA A 46 37.81 4.93 -0.88
C ALA A 46 37.03 5.42 0.35
N VAL A 47 36.99 4.58 1.38
CA VAL A 47 36.31 4.93 2.62
C VAL A 47 37.27 5.69 3.58
N ALA A 48 38.49 5.22 3.74
CA ALA A 48 39.48 5.85 4.64
C ALA A 48 39.79 7.32 4.33
N GLN A 49 39.56 7.75 3.09
CA GLN A 49 39.79 9.16 2.76
C GLN A 49 38.79 10.06 3.49
N TYR A 50 37.67 9.51 3.93
CA TYR A 50 36.63 10.32 4.55
C TYR A 50 36.63 10.20 6.08
N GLY A 51 37.06 9.05 6.58
CA GLY A 51 37.00 8.78 8.00
C GLY A 51 37.90 7.60 8.31
N LYS A 52 37.65 6.96 9.45
CA LYS A 52 38.56 5.95 9.97
C LYS A 52 38.73 4.78 9.01
N THR A 53 39.92 4.18 9.05
CA THR A 53 40.20 3.01 8.26
C THR A 53 39.21 1.90 8.62
N PRO A 54 38.42 1.46 7.64
CA PRO A 54 37.38 0.50 8.00
C PRO A 54 37.94 -0.91 8.15
N GLY A 55 37.16 -1.78 8.81
CA GLY A 55 37.43 -3.20 8.80
C GLY A 55 36.84 -3.88 7.56
N TYR A 56 37.11 -5.17 7.41
CA TYR A 56 36.61 -5.92 6.28
C TYR A 56 36.36 -7.38 6.62
N HIS A 57 35.34 -7.96 6.01
CA HIS A 57 35.12 -9.40 6.16
C HIS A 57 34.48 -9.90 4.89
N GLY A 58 35.04 -10.99 4.35
CA GLY A 58 34.65 -11.46 3.03
C GLY A 58 33.61 -12.56 3.03
N ALA A 59 32.75 -12.58 4.04
CA ALA A 59 31.71 -13.60 4.14
C ALA A 59 30.86 -13.67 2.88
N ASP A 60 30.65 -14.89 2.40
CA ASP A 60 29.66 -15.18 1.38
C ASP A 60 28.29 -15.09 2.04
N LEU A 61 27.45 -14.16 1.59
CA LEU A 61 26.17 -13.92 2.24
C LEU A 61 25.12 -15.02 2.00
N SER A 62 25.40 -15.91 1.06
CA SER A 62 24.50 -17.04 0.83
C SER A 62 24.87 -18.20 1.75
N ASP A 63 25.93 -18.02 2.53
CA ASP A 63 26.40 -19.04 3.46
C ASP A 63 26.20 -18.54 4.88
N GLU A 64 25.34 -19.22 5.64
CA GLU A 64 24.93 -18.77 6.96
C GLU A 64 26.09 -18.74 7.94
N ALA A 65 26.91 -19.79 7.93
CA ALA A 65 28.03 -19.87 8.86
C ALA A 65 29.09 -18.79 8.59
N GLN A 66 29.30 -18.43 7.34
CA GLN A 66 30.21 -17.34 7.02
C GLN A 66 29.68 -16.02 7.59
N ILE A 67 28.39 -15.80 7.44
CA ILE A 67 27.73 -14.63 8.01
C ILE A 67 27.97 -14.55 9.51
N ALA A 68 27.82 -15.66 10.21
CA ALA A 68 28.00 -15.66 11.68
C ALA A 68 29.46 -15.39 12.08
N ASP A 69 30.40 -15.78 11.22
CA ASP A 69 31.79 -15.47 11.46
C ASP A 69 32.03 -13.97 11.29
N MET A 70 31.36 -13.38 10.30
CA MET A 70 31.42 -11.93 10.12
C MET A 70 30.95 -11.18 11.36
N MET A 71 29.86 -11.66 11.96
CA MET A 71 29.32 -11.03 13.16
C MET A 71 30.19 -11.31 14.37
N ARG A 72 30.82 -12.48 14.40
CA ARG A 72 31.76 -12.83 15.48
C ARG A 72 33.02 -11.98 15.33
N TYR A 73 33.36 -11.67 14.09
CA TYR A 73 34.45 -10.74 13.79
C TYR A 73 34.09 -9.32 14.27
N ALA A 74 32.84 -8.91 14.06
CA ALA A 74 32.40 -7.58 14.46
C ALA A 74 32.42 -7.43 15.98
N GLU A 75 32.01 -8.50 16.67
CA GLU A 75 32.01 -8.49 18.12
C GLU A 75 33.44 -8.51 18.69
N SER A 76 34.37 -9.15 17.98
CA SER A 76 35.71 -9.35 18.52
C SER A 76 36.67 -8.20 18.27
N GLU A 77 36.49 -7.50 17.15
CA GLU A 77 37.44 -6.49 16.71
C GLU A 77 36.97 -5.06 16.95
N PHE A 78 35.66 -4.86 16.95
CA PHE A 78 35.11 -3.52 17.02
C PHE A 78 34.09 -3.40 18.15
N GLY A 79 33.82 -4.51 18.83
CA GLY A 79 32.91 -4.50 19.97
C GLY A 79 31.44 -4.72 19.68
N GLY A 80 31.09 -5.03 18.43
CA GLY A 80 29.70 -5.27 18.08
C GLY A 80 29.15 -4.25 17.10
N VAL A 81 28.01 -4.54 16.49
CA VAL A 81 27.47 -3.65 15.49
C VAL A 81 26.42 -2.72 16.11
N ASP A 82 26.58 -1.43 15.86
CA ASP A 82 25.60 -0.44 16.27
C ASP A 82 24.62 -0.17 15.13
N ILE A 83 25.17 -0.09 13.92
CA ILE A 83 24.42 0.23 12.71
C ILE A 83 24.60 -0.89 11.71
N LEU A 84 23.54 -1.64 11.47
CA LEU A 84 23.60 -2.72 10.50
C LEU A 84 22.87 -2.34 9.24
N ILE A 85 23.61 -2.29 8.14
CA ILE A 85 23.02 -1.93 6.85
C ILE A 85 23.11 -3.09 5.86
N ASN A 86 21.96 -3.74 5.65
CA ASN A 86 21.84 -4.82 4.67
C ASN A 86 21.61 -4.28 3.29
N ASN A 87 22.62 -4.43 2.44
CA ASN A 87 22.59 -3.81 1.14
C ASN A 87 22.79 -4.78 -0.01
N ALA A 88 23.61 -5.79 0.22
CA ALA A 88 24.01 -6.69 -0.83
C ALA A 88 22.84 -7.42 -1.48
N GLY A 89 22.79 -7.39 -2.81
CA GLY A 89 21.69 -7.97 -3.58
C GLY A 89 22.06 -8.33 -5.01
N ILE A 90 21.60 -9.48 -5.48
CA ILE A 90 21.89 -9.94 -6.83
C ILE A 90 20.61 -10.21 -7.62
N GLN A 91 20.78 -10.36 -8.93
CA GLN A 91 19.70 -10.31 -9.90
C GLN A 91 19.84 -11.38 -10.98
N HIS A 92 18.70 -11.91 -11.42
CA HIS A 92 18.64 -12.77 -12.59
C HIS A 92 17.34 -12.49 -13.30
N VAL A 93 17.42 -12.00 -14.54
CA VAL A 93 16.19 -11.68 -15.25
C VAL A 93 15.74 -12.85 -16.12
N SER A 94 14.58 -13.40 -15.81
CA SER A 94 14.07 -14.55 -16.55
C SER A 94 12.57 -14.74 -16.37
N PRO A 95 11.87 -15.11 -17.47
CA PRO A 95 10.50 -15.62 -17.35
C PRO A 95 10.50 -16.78 -16.37
N ILE A 96 9.47 -16.94 -15.54
CA ILE A 96 9.54 -17.89 -14.44
C ILE A 96 9.72 -19.34 -14.92
N GLU A 97 9.05 -19.68 -16.03
CA GLU A 97 9.12 -21.02 -16.62
C GLU A 97 10.53 -21.54 -16.82
N THR A 98 11.42 -20.68 -17.31
CA THR A 98 12.79 -21.09 -17.56
C THR A 98 13.76 -20.45 -16.55
N PHE A 99 13.27 -20.20 -15.34
CA PHE A 99 14.07 -19.58 -14.29
C PHE A 99 14.85 -20.65 -13.52
N PRO A 100 16.18 -20.66 -13.67
CA PRO A 100 17.01 -21.68 -13.02
C PRO A 100 16.77 -21.77 -11.50
N VAL A 101 16.67 -23.00 -11.02
CA VAL A 101 16.48 -23.26 -9.61
C VAL A 101 17.62 -22.66 -8.77
N ASP A 102 18.86 -22.94 -9.17
CA ASP A 102 20.03 -22.50 -8.43
C ASP A 102 20.05 -20.98 -8.29
N LYS A 103 19.55 -20.28 -9.32
CA LYS A 103 19.44 -18.83 -9.28
C LYS A 103 18.36 -18.36 -8.30
N TRP A 104 17.21 -19.06 -8.29
CA TRP A 104 16.16 -18.79 -7.32
C TRP A 104 16.68 -18.94 -5.89
N ASN A 105 17.33 -20.07 -5.60
CA ASN A 105 17.85 -20.29 -4.25
C ASN A 105 18.92 -19.27 -3.88
N ALA A 106 19.75 -18.89 -4.84
CA ALA A 106 20.82 -17.94 -4.57
C ALA A 106 20.27 -16.56 -4.24
N ILE A 107 19.29 -16.12 -5.03
CA ILE A 107 18.69 -14.82 -4.86
C ILE A 107 17.94 -14.70 -3.52
N ILE A 108 17.17 -15.74 -3.17
CA ILE A 108 16.47 -15.78 -1.90
C ILE A 108 17.44 -15.76 -0.74
N ALA A 109 18.50 -16.55 -0.86
CA ALA A 109 19.47 -16.69 0.22
C ALA A 109 20.20 -15.36 0.45
N ILE A 110 20.67 -14.77 -0.65
CA ILE A 110 21.46 -13.55 -0.56
C ILE A 110 20.61 -12.32 -0.28
N ASN A 111 19.55 -12.11 -1.07
CA ASN A 111 18.75 -10.90 -0.94
C ASN A 111 17.74 -10.94 0.20
N LEU A 112 17.45 -12.12 0.75
CA LEU A 112 16.47 -12.21 1.82
C LEU A 112 17.00 -12.84 3.12
N SER A 113 17.42 -14.10 3.06
CA SER A 113 17.85 -14.83 4.24
C SER A 113 19.06 -14.23 4.92
N SER A 114 19.90 -13.54 4.15
CA SER A 114 21.07 -12.91 4.73
C SER A 114 20.62 -11.79 5.64
N VAL A 115 19.48 -11.16 5.33
CA VAL A 115 18.98 -10.11 6.22
C VAL A 115 18.55 -10.72 7.57
N PHE A 116 17.96 -11.90 7.52
CA PHE A 116 17.54 -12.58 8.74
C PHE A 116 18.75 -12.96 9.61
N HIS A 117 19.76 -13.57 9.00
CA HIS A 117 20.94 -14.02 9.74
C HIS A 117 21.73 -12.88 10.35
N THR A 118 21.94 -11.83 9.57
CA THR A 118 22.76 -10.73 10.03
C THR A 118 22.02 -9.99 11.16
N THR A 119 20.70 -9.88 11.05
CA THR A 119 19.89 -9.14 12.02
C THR A 119 19.68 -9.93 13.31
N ARG A 120 19.56 -11.25 13.20
CA ARG A 120 19.33 -12.06 14.40
C ARG A 120 20.60 -12.15 15.27
N LEU A 121 21.74 -11.89 14.65
CA LEU A 121 23.01 -11.98 15.37
C LEU A 121 23.46 -10.64 15.95
N ALA A 122 22.99 -9.54 15.36
CA ALA A 122 23.36 -8.21 15.82
C ALA A 122 22.45 -7.73 16.94
N LEU A 123 21.20 -8.16 16.89
CA LEU A 123 20.17 -7.67 17.80
C LEU A 123 20.48 -7.85 19.30
N PRO A 124 21.07 -9.00 19.71
CA PRO A 124 21.45 -9.13 21.13
C PRO A 124 22.35 -7.99 21.63
N GLY A 125 23.43 -7.73 20.90
CA GLY A 125 24.33 -6.65 21.25
C GLY A 125 23.60 -5.32 21.35
N MET A 126 22.90 -4.96 20.28
CA MET A 126 22.13 -3.72 20.23
C MET A 126 21.17 -3.59 21.41
N ARG A 127 20.46 -4.67 21.72
CA ARG A 127 19.49 -4.66 22.83
C ARG A 127 20.18 -4.40 24.17
N ALA A 128 21.32 -5.04 24.38
CA ALA A 128 22.09 -4.86 25.60
C ALA A 128 22.45 -3.41 25.80
N ARG A 129 22.90 -2.74 24.73
CA ARG A 129 23.30 -1.34 24.81
C ARG A 129 22.09 -0.40 24.68
N ASN A 130 20.92 -0.98 24.44
CA ASN A 130 19.72 -0.21 24.12
C ASN A 130 19.96 0.91 23.09
N TRP A 131 20.68 0.60 22.01
CA TRP A 131 20.74 1.50 20.87
C TRP A 131 21.08 0.73 19.59
N GLY A 132 20.46 1.11 18.49
CA GLY A 132 20.73 0.42 17.25
C GLY A 132 19.96 0.94 16.06
N ARG A 133 20.60 0.83 14.90
CA ARG A 133 19.95 1.07 13.61
C ARG A 133 20.09 -0.15 12.71
N ILE A 134 18.97 -0.59 12.14
CA ILE A 134 18.99 -1.60 11.11
C ILE A 134 18.33 -1.01 9.86
N ILE A 135 19.10 -0.95 8.79
CA ILE A 135 18.63 -0.34 7.57
C ILE A 135 18.82 -1.34 6.44
N ASN A 136 17.71 -1.76 5.85
CA ASN A 136 17.76 -2.72 4.77
C ASN A 136 17.45 -2.05 3.43
N ILE A 137 18.41 -2.14 2.53
CA ILE A 137 18.23 -1.57 1.21
C ILE A 137 17.44 -2.57 0.39
N ALA A 138 16.13 -2.33 0.25
CA ALA A 138 15.33 -3.23 -0.56
C ALA A 138 15.39 -2.68 -1.97
N SER A 139 14.23 -2.34 -2.51
CA SER A 139 14.16 -1.62 -3.77
C SER A 139 12.70 -1.30 -4.02
N VAL A 140 12.42 -0.58 -5.09
CA VAL A 140 11.04 -0.32 -5.46
C VAL A 140 10.33 -1.65 -5.71
N HIS A 141 11.12 -2.70 -5.97
CA HIS A 141 10.59 -4.02 -6.26
C HIS A 141 10.19 -4.77 -4.99
N GLY A 142 10.31 -4.09 -3.86
CA GLY A 142 9.80 -4.61 -2.62
C GLY A 142 8.38 -4.12 -2.47
N LEU A 143 7.98 -3.20 -3.34
CA LEU A 143 6.65 -2.61 -3.28
C LEU A 143 5.80 -2.89 -4.53
N VAL A 144 6.41 -2.77 -5.71
CA VAL A 144 5.72 -3.17 -6.94
C VAL A 144 6.51 -4.29 -7.62
N ALA A 145 5.95 -4.87 -8.67
CA ALA A 145 6.65 -5.89 -9.43
C ALA A 145 7.10 -5.37 -10.80
N SER A 146 8.11 -6.01 -11.36
CA SER A 146 8.40 -5.91 -12.79
C SER A 146 8.45 -7.31 -13.38
N LYS A 147 8.23 -7.40 -14.69
CA LYS A 147 8.25 -8.65 -15.44
C LYS A 147 9.59 -9.37 -15.37
N GLU A 148 9.55 -10.68 -15.14
CA GLU A 148 10.74 -11.56 -15.23
C GLU A 148 11.79 -11.38 -14.14
N LYS A 149 11.40 -10.81 -13.01
CA LYS A 149 12.29 -10.73 -11.87
C LYS A 149 11.64 -11.39 -10.66
N SER A 150 11.09 -12.58 -10.88
CA SER A 150 10.26 -13.21 -9.85
C SER A 150 11.02 -13.43 -8.56
N ALA A 151 12.22 -13.99 -8.65
CA ALA A 151 13.07 -14.22 -7.48
C ALA A 151 13.43 -12.90 -6.78
N TYR A 152 13.84 -11.90 -7.54
CA TYR A 152 14.23 -10.63 -6.97
C TYR A 152 13.07 -9.86 -6.31
N VAL A 153 11.91 -9.86 -6.95
CA VAL A 153 10.71 -9.20 -6.41
C VAL A 153 10.22 -9.91 -5.15
N ALA A 154 10.25 -11.23 -5.17
CA ALA A 154 9.83 -12.03 -4.05
C ALA A 154 10.74 -11.79 -2.84
N ALA A 155 12.05 -11.78 -3.11
CA ALA A 155 13.05 -11.55 -2.08
C ALA A 155 12.90 -10.17 -1.44
N LYS A 156 12.67 -9.16 -2.29
CA LYS A 156 12.70 -7.76 -1.86
C LYS A 156 11.43 -7.41 -1.08
N HIS A 157 10.29 -7.87 -1.62
CA HIS A 157 9.02 -7.87 -0.90
C HIS A 157 9.21 -8.54 0.45
N GLY A 158 9.91 -9.67 0.44
CA GLY A 158 10.19 -10.41 1.66
C GLY A 158 10.92 -9.52 2.64
N VAL A 159 12.00 -8.87 2.19
CA VAL A 159 12.77 -7.97 3.05
C VAL A 159 11.88 -6.93 3.67
N VAL A 160 10.96 -6.39 2.87
CA VAL A 160 10.04 -5.37 3.39
C VAL A 160 9.19 -5.93 4.55
N GLY A 161 8.54 -7.07 4.34
CA GLY A 161 7.85 -7.73 5.43
C GLY A 161 8.71 -7.97 6.67
N LEU A 162 9.89 -8.55 6.46
CA LEU A 162 10.83 -8.84 7.54
C LEU A 162 11.20 -7.59 8.34
N THR A 163 11.37 -6.48 7.62
CA THR A 163 11.72 -5.21 8.23
C THR A 163 10.63 -4.76 9.19
N LYS A 164 9.38 -4.87 8.76
CA LYS A 164 8.25 -4.43 9.54
C LYS A 164 8.14 -5.24 10.83
N THR A 165 8.39 -6.52 10.76
CA THR A 165 8.13 -7.37 11.91
C THR A 165 9.26 -7.15 12.93
N ILE A 166 10.46 -6.86 12.45
CA ILE A 166 11.58 -6.59 13.35
C ILE A 166 11.43 -5.26 14.08
N ALA A 167 10.97 -4.25 13.33
CA ALA A 167 10.59 -2.97 13.93
C ALA A 167 9.66 -3.17 15.13
N LEU A 168 8.72 -4.10 15.00
CA LEU A 168 7.70 -4.34 16.00
C LEU A 168 8.26 -5.07 17.21
N GLU A 169 9.24 -5.95 16.99
CA GLU A 169 9.89 -6.65 18.08
C GLU A 169 10.80 -5.70 18.86
N THR A 170 11.13 -4.56 18.25
CA THR A 170 12.02 -3.57 18.87
C THR A 170 11.33 -2.24 19.18
N ALA A 171 10.03 -2.17 18.96
CA ALA A 171 9.31 -0.88 18.99
C ALA A 171 9.56 -0.06 20.28
N GLN A 172 9.69 -0.74 21.42
CA GLN A 172 9.86 -0.04 22.69
C GLN A 172 11.30 0.01 23.15
N THR A 173 12.23 -0.03 22.22
CA THR A 173 13.63 0.20 22.53
C THR A 173 14.10 1.39 21.70
N GLU A 174 15.38 1.75 21.85
CA GLU A 174 15.95 2.78 21.01
C GLU A 174 16.60 2.18 19.76
N ILE A 175 16.16 0.98 19.40
CA ILE A 175 16.57 0.33 18.17
C ILE A 175 15.47 0.50 17.13
N THR A 176 15.84 0.98 15.95
CA THR A 176 14.90 1.04 14.83
C THR A 176 15.30 0.12 13.68
N CYS A 177 14.30 -0.33 12.94
CA CYS A 177 14.51 -1.16 11.76
C CYS A 177 13.66 -0.58 10.63
N ASN A 178 14.32 -0.19 9.54
CA ASN A 178 13.63 0.43 8.41
C ASN A 178 14.19 -0.05 7.07
N ALA A 179 13.39 0.12 6.02
CA ALA A 179 13.78 -0.28 4.67
C ALA A 179 13.82 0.93 3.78
N LEU A 180 14.88 1.02 2.99
CA LEU A 180 14.94 2.00 1.93
C LEU A 180 14.65 1.33 0.57
N CYS A 181 13.80 1.94 -0.24
CA CYS A 181 13.46 1.36 -1.55
C CYS A 181 13.80 2.33 -2.70
N PRO A 182 15.03 2.26 -3.24
CA PRO A 182 15.36 3.15 -4.38
C PRO A 182 14.85 2.66 -5.74
N GLY A 183 14.66 3.60 -6.66
CA GLY A 183 14.50 3.31 -8.07
C GLY A 183 15.83 2.96 -8.71
N TRP A 184 16.00 3.34 -9.98
CA TRP A 184 17.28 3.11 -10.66
C TRP A 184 18.36 3.97 -10.05
N VAL A 185 19.44 3.32 -9.62
CA VAL A 185 20.58 4.05 -9.07
C VAL A 185 21.77 4.06 -10.04
N LEU A 186 22.36 5.24 -10.26
CA LEU A 186 23.55 5.33 -11.10
C LEU A 186 24.72 4.66 -10.39
N THR A 187 24.91 3.39 -10.68
CA THR A 187 26.02 2.59 -10.18
C THR A 187 27.09 2.55 -11.26
N PRO A 188 28.23 1.88 -11.02
CA PRO A 188 29.17 1.78 -12.14
C PRO A 188 28.65 0.92 -13.31
N LEU A 189 27.91 -0.14 -13.02
CA LEU A 189 27.34 -0.96 -14.09
C LEU A 189 26.39 -0.14 -14.96
N VAL A 190 25.64 0.75 -14.35
CA VAL A 190 24.67 1.56 -15.06
C VAL A 190 25.38 2.64 -15.87
N GLN A 191 26.40 3.23 -15.26
CA GLN A 191 27.17 4.25 -15.94
C GLN A 191 27.90 3.66 -17.13
N GLN A 192 28.25 2.37 -17.05
CA GLN A 192 29.06 1.76 -18.11
C GLN A 192 28.19 1.15 -19.21
N GLN A 193 26.90 0.96 -18.95
CA GLN A 193 26.00 0.60 -20.03
C GLN A 193 25.47 1.88 -20.69
N ILE A 194 25.48 2.97 -19.94
CA ILE A 194 25.25 4.29 -20.53
C ILE A 194 26.39 4.70 -21.48
N ASP A 195 27.63 4.53 -21.03
CA ASP A 195 28.79 4.83 -21.89
C ASP A 195 28.74 3.97 -23.16
N LYS A 196 28.23 2.76 -23.03
CA LYS A 196 28.12 1.84 -24.17
C LYS A 196 27.27 2.47 -25.26
N ARG A 197 26.09 2.96 -24.86
CA ARG A 197 25.17 3.61 -25.77
C ARG A 197 25.76 4.90 -26.36
N ILE A 198 26.46 5.66 -25.54
CA ILE A 198 27.08 6.90 -25.99
C ILE A 198 28.17 6.59 -27.02
N ALA A 199 28.88 5.48 -26.80
CA ALA A 199 29.94 5.07 -27.71
C ALA A 199 29.39 4.60 -29.06
N GLU A 200 28.09 4.35 -29.11
CA GLU A 200 27.41 3.88 -30.32
C GLU A 200 26.65 5.01 -31.02
N GLY A 201 26.79 6.23 -30.52
CA GLY A 201 26.22 7.39 -31.18
C GLY A 201 25.08 8.09 -30.46
N ALA A 202 24.65 7.54 -29.32
CA ALA A 202 23.55 8.16 -28.59
C ALA A 202 24.04 9.41 -27.88
N GLU A 203 23.21 10.44 -27.86
CA GLU A 203 23.48 11.57 -27.00
C GLU A 203 23.27 11.13 -25.56
N PRO A 204 24.08 11.67 -24.64
CA PRO A 204 24.04 11.30 -23.21
C PRO A 204 22.62 11.25 -22.66
N GLU A 205 21.91 12.39 -22.68
CA GLU A 205 20.54 12.42 -22.17
C GLU A 205 19.67 11.36 -22.84
N ALA A 206 19.89 11.13 -24.13
CA ALA A 206 19.08 10.15 -24.86
C ALA A 206 19.31 8.73 -24.33
N ALA A 207 20.55 8.42 -23.96
CA ALA A 207 20.87 7.11 -23.41
C ALA A 207 20.24 6.92 -22.02
N ARG A 208 20.36 7.92 -21.15
CA ARG A 208 19.73 7.88 -19.84
C ARG A 208 18.21 7.84 -19.97
N ASP A 209 17.66 8.70 -20.82
CA ASP A 209 16.23 8.71 -21.13
C ASP A 209 15.76 7.32 -21.52
N ALA A 210 16.57 6.65 -22.35
CA ALA A 210 16.24 5.33 -22.83
C ALA A 210 16.10 4.33 -21.69
N LEU A 211 17.00 4.42 -20.72
CA LEU A 211 17.05 3.44 -19.64
C LEU A 211 15.99 3.71 -18.55
N LEU A 212 15.56 4.96 -18.45
CA LEU A 212 14.69 5.43 -17.38
C LEU A 212 13.25 5.69 -17.82
N ALA A 213 13.03 5.85 -19.13
CA ALA A 213 11.73 6.27 -19.67
C ALA A 213 10.55 5.46 -19.15
N GLU A 214 10.67 4.14 -19.14
CA GLU A 214 9.53 3.32 -18.78
C GLU A 214 9.10 3.50 -17.33
N LYS A 215 10.06 3.42 -16.42
CA LYS A 215 9.75 3.15 -15.03
C LYS A 215 10.00 4.31 -14.04
N GLN A 216 10.73 5.33 -14.46
CA GLN A 216 11.16 6.40 -13.55
C GLN A 216 10.86 7.80 -14.12
N PRO A 217 9.69 8.35 -13.76
CA PRO A 217 9.15 9.56 -14.39
C PRO A 217 10.12 10.76 -14.41
N SER A 218 10.87 11.01 -13.33
CA SER A 218 11.82 12.12 -13.36
C SER A 218 12.87 11.95 -14.48
N ARG A 219 13.08 10.72 -14.93
CA ARG A 219 14.09 10.40 -15.93
C ARG A 219 15.49 10.83 -15.49
N GLU A 220 15.68 10.97 -14.17
CA GLU A 220 17.00 11.16 -13.60
C GLU A 220 17.30 10.03 -12.63
N PHE A 221 18.55 9.59 -12.61
CA PHE A 221 18.96 8.53 -11.70
C PHE A 221 18.97 8.97 -10.24
N VAL A 222 18.89 7.97 -9.36
CA VAL A 222 19.17 8.12 -7.94
C VAL A 222 20.68 7.90 -7.77
N THR A 223 21.33 8.59 -6.85
CA THR A 223 22.76 8.40 -6.65
C THR A 223 23.06 7.68 -5.33
N PRO A 224 24.19 6.96 -5.28
CA PRO A 224 24.61 6.34 -4.02
C PRO A 224 24.74 7.36 -2.88
N GLU A 225 25.17 8.59 -3.18
CA GLU A 225 25.36 9.60 -2.15
C GLU A 225 24.04 10.03 -1.53
N GLN A 226 23.05 10.23 -2.40
CA GLN A 226 21.70 10.60 -1.97
C GLN A 226 21.13 9.51 -1.05
N LEU A 227 21.37 8.26 -1.42
CA LEU A 227 20.98 7.11 -0.60
C LEU A 227 21.73 7.07 0.72
N GLY A 228 23.02 7.40 0.65
CA GLY A 228 23.85 7.48 1.84
C GLY A 228 23.32 8.50 2.82
N ASN A 229 22.91 9.66 2.30
CA ASN A 229 22.42 10.70 3.17
C ASN A 229 21.04 10.40 3.76
N LEU A 230 20.21 9.64 3.04
CA LEU A 230 18.95 9.18 3.63
C LEU A 230 19.22 8.18 4.77
N ALA A 231 20.16 7.27 4.53
CA ALA A 231 20.61 6.33 5.54
C ALA A 231 21.12 7.04 6.78
N LEU A 232 21.95 8.06 6.55
CA LEU A 232 22.51 8.85 7.64
C LEU A 232 21.42 9.56 8.42
N PHE A 233 20.42 10.12 7.73
CA PHE A 233 19.29 10.73 8.44
C PHE A 233 18.57 9.71 9.34
N LEU A 234 18.47 8.48 8.87
CA LEU A 234 17.81 7.42 9.62
C LEU A 234 18.61 7.10 10.88
N CYS A 235 19.92 7.37 10.83
CA CYS A 235 20.80 7.10 11.95
C CYS A 235 20.81 8.23 12.98
N SER A 236 20.11 9.31 12.69
CA SER A 236 20.09 10.48 13.56
C SER A 236 19.04 10.32 14.64
N ASP A 237 19.10 11.18 15.65
CA ASP A 237 18.09 11.19 16.69
C ASP A 237 16.77 11.74 16.14
N GLY A 238 16.83 12.45 15.02
CA GLY A 238 15.63 12.93 14.35
C GLY A 238 14.78 11.79 13.80
N ALA A 239 15.37 10.59 13.74
CA ALA A 239 14.69 9.42 13.19
C ALA A 239 14.31 8.38 14.25
N ALA A 240 14.28 8.82 15.52
CA ALA A 240 14.01 7.91 16.64
C ALA A 240 12.66 7.19 16.50
N GLN A 241 11.66 7.87 15.97
CA GLN A 241 10.35 7.24 15.86
C GLN A 241 9.96 6.82 14.42
N VAL A 242 10.97 6.69 13.56
CA VAL A 242 10.80 6.06 12.26
C VAL A 242 11.00 4.57 12.40
N ARG A 243 9.93 3.77 12.29
CA ARG A 243 10.04 2.33 12.54
C ARG A 243 9.25 1.47 11.55
N GLY A 244 9.91 0.47 10.96
CA GLY A 244 9.29 -0.45 10.01
C GLY A 244 8.70 0.27 8.81
N VAL A 245 9.39 1.29 8.33
CA VAL A 245 8.94 1.97 7.12
C VAL A 245 9.63 1.36 5.92
N ALA A 246 9.03 1.57 4.75
CA ALA A 246 9.62 1.24 3.45
C ALA A 246 9.58 2.52 2.62
N TRP A 247 10.61 3.35 2.74
CA TRP A 247 10.66 4.65 2.09
C TRP A 247 11.20 4.55 0.65
N ASN A 248 10.39 4.91 -0.32
CA ASN A 248 10.86 4.90 -1.70
C ASN A 248 11.59 6.21 -2.04
N MET A 249 12.76 6.08 -2.66
CA MET A 249 13.44 7.21 -3.30
C MET A 249 13.66 6.82 -4.77
N ASP A 250 12.79 7.30 -5.65
CA ASP A 250 12.61 6.59 -6.92
C ASP A 250 12.18 7.42 -8.13
N GLY A 251 12.31 8.75 -8.05
CA GLY A 251 11.91 9.62 -9.15
C GLY A 251 10.44 9.46 -9.53
N GLY A 252 9.63 8.92 -8.64
CA GLY A 252 8.19 8.88 -8.86
C GLY A 252 7.69 7.55 -9.35
N TRP A 253 8.55 6.55 -9.32
CA TRP A 253 8.24 5.23 -9.87
C TRP A 253 6.98 4.65 -9.25
N VAL A 254 6.91 4.60 -7.92
CA VAL A 254 5.79 3.96 -7.24
C VAL A 254 4.58 4.89 -7.21
N ALA A 255 4.79 6.20 -7.27
CA ALA A 255 3.68 7.15 -7.40
C ALA A 255 2.77 6.84 -8.60
N GLN A 256 3.33 6.16 -9.61
CA GLN A 256 2.56 5.74 -10.77
C GLN A 256 1.83 4.43 -10.53
N ASN B 2 22.74 27.47 3.58
CA ASN B 2 22.11 26.17 3.36
C ASN B 2 20.71 26.28 2.73
N LEU B 3 19.80 26.93 3.43
CA LEU B 3 18.51 27.31 2.87
C LEU B 3 18.42 28.82 2.77
N THR B 4 19.53 29.49 3.11
CA THR B 4 19.61 30.94 3.01
C THR B 4 19.30 31.40 1.58
N GLY B 5 18.45 32.41 1.46
CA GLY B 5 18.02 32.88 0.14
C GLY B 5 16.82 32.13 -0.42
N LYS B 6 16.15 31.34 0.41
CA LYS B 6 14.93 30.62 0.03
C LYS B 6 13.75 31.10 0.86
N THR B 7 12.59 31.27 0.23
CA THR B 7 11.40 31.62 1.00
C THR B 7 10.55 30.39 1.30
N ALA B 8 10.23 30.20 2.57
CA ALA B 8 9.40 29.09 3.01
C ALA B 8 8.09 29.57 3.63
N LEU B 9 6.99 29.15 3.02
CA LEU B 9 5.66 29.39 3.57
C LEU B 9 5.14 28.12 4.22
N VAL B 10 4.83 28.20 5.51
CA VAL B 10 4.29 27.09 6.29
C VAL B 10 2.89 27.45 6.77
N THR B 11 1.86 26.74 6.30
CA THR B 11 0.51 27.08 6.71
C THR B 11 0.23 26.54 8.12
N GLY B 12 -0.60 27.25 8.86
CA GLY B 12 -0.84 26.91 10.24
C GLY B 12 0.46 26.72 11.01
N SER B 13 1.27 27.77 11.06
CA SER B 13 2.57 27.69 11.71
C SER B 13 2.64 28.56 12.97
N THR B 14 1.49 28.86 13.55
CA THR B 14 1.42 29.65 14.78
C THR B 14 1.35 28.75 16.02
N SER B 15 1.16 27.46 15.78
CA SER B 15 1.10 26.46 16.85
C SER B 15 1.73 25.14 16.38
N GLY B 16 1.99 24.25 17.33
CA GLY B 16 2.37 22.87 17.07
C GLY B 16 3.36 22.50 15.97
N ILE B 17 2.91 21.63 15.07
CA ILE B 17 3.79 21.01 14.08
C ILE B 17 4.34 22.04 13.09
N GLY B 18 3.46 22.90 12.59
CA GLY B 18 3.87 23.96 11.70
C GLY B 18 4.91 24.91 12.29
N LEU B 19 4.78 25.19 13.58
CA LEU B 19 5.73 26.09 14.25
C LEU B 19 7.10 25.42 14.36
N GLY B 20 7.11 24.15 14.73
CA GLY B 20 8.34 23.38 14.79
C GLY B 20 9.09 23.31 13.47
N ILE B 21 8.38 22.98 12.40
CA ILE B 21 8.98 22.93 11.08
C ILE B 21 9.57 24.28 10.71
N ALA B 22 8.78 25.33 10.94
CA ALA B 22 9.24 26.70 10.68
C ALA B 22 10.56 26.98 11.41
N GLN B 23 10.59 26.74 12.71
CA GLN B 23 11.78 27.04 13.50
C GLN B 23 12.99 26.31 12.94
N VAL B 24 12.80 25.07 12.50
CA VAL B 24 13.92 24.33 11.91
C VAL B 24 14.36 24.94 10.57
N LEU B 25 13.42 25.27 9.69
CA LEU B 25 13.78 25.88 8.40
C LEU B 25 14.50 27.21 8.60
N ALA B 26 13.97 28.08 9.47
CA ALA B 26 14.60 29.36 9.77
C ALA B 26 16.05 29.19 10.27
N GLN B 27 16.22 28.26 11.20
CA GLN B 27 17.54 27.81 11.63
C GLN B 27 18.45 27.48 10.46
N ALA B 28 17.90 26.92 9.40
CA ALA B 28 18.71 26.50 8.26
C ALA B 28 18.99 27.64 7.29
N GLY B 29 18.41 28.81 7.55
CA GLY B 29 18.71 30.00 6.78
C GLY B 29 17.55 30.59 6.01
N ALA B 30 16.41 29.89 6.01
CA ALA B 30 15.26 30.27 5.20
C ALA B 30 14.53 31.49 5.74
N THR B 31 14.00 32.30 4.82
CA THR B 31 13.03 33.32 5.17
C THR B 31 11.69 32.60 5.34
N LEU B 32 10.93 32.98 6.35
CA LEU B 32 9.70 32.27 6.63
C LEU B 32 8.49 33.17 6.51
N ILE B 33 7.41 32.63 5.96
CA ILE B 33 6.12 33.29 6.02
C ILE B 33 5.21 32.44 6.87
N LEU B 34 4.69 33.01 7.94
CA LEU B 34 3.87 32.27 8.89
C LEU B 34 2.41 32.54 8.62
N ASN B 35 1.55 31.64 9.09
CA ASN B 35 0.14 31.69 8.82
C ASN B 35 -0.57 30.91 9.93
N GLY B 36 -1.82 31.24 10.22
CA GLY B 36 -2.51 30.63 11.35
C GLY B 36 -2.97 31.63 12.39
N PHE B 37 -3.74 31.16 13.36
CA PHE B 37 -4.37 32.06 14.32
C PHE B 37 -3.88 31.87 15.76
N GLY B 38 -4.36 32.74 16.65
CA GLY B 38 -3.98 32.69 18.05
C GLY B 38 -2.80 33.57 18.38
N ASP B 39 -1.92 33.07 19.24
CA ASP B 39 -0.77 33.84 19.70
C ASP B 39 0.25 34.00 18.59
N VAL B 40 0.01 35.01 17.76
CA VAL B 40 0.85 35.28 16.58
C VAL B 40 2.26 35.79 16.91
N ASP B 41 2.34 36.77 17.82
CA ASP B 41 3.63 37.38 18.18
C ASP B 41 4.58 36.38 18.83
N ALA B 42 4.05 35.52 19.69
CA ALA B 42 4.84 34.46 20.28
C ALA B 42 5.46 33.58 19.19
N ALA B 43 4.65 33.27 18.17
CA ALA B 43 5.10 32.44 17.06
C ALA B 43 6.12 33.15 16.18
N LYS B 44 5.84 34.39 15.79
CA LYS B 44 6.79 35.21 15.02
C LYS B 44 8.15 35.30 15.71
N ASP B 45 8.15 35.56 17.01
CA ASP B 45 9.40 35.74 17.74
C ASP B 45 10.13 34.42 17.97
N ALA B 46 9.38 33.34 18.20
CA ALA B 46 9.96 32.01 18.39
C ALA B 46 10.72 31.56 17.16
N VAL B 47 10.37 32.14 16.00
CA VAL B 47 11.04 31.84 14.75
C VAL B 47 12.22 32.78 14.54
N ALA B 48 11.98 34.07 14.72
CA ALA B 48 13.01 35.10 14.52
C ALA B 48 14.22 34.90 15.44
N GLN B 49 14.06 34.15 16.52
CA GLN B 49 15.19 33.86 17.40
C GLN B 49 16.25 33.00 16.70
N TYR B 50 15.85 32.30 15.65
CA TYR B 50 16.76 31.46 14.87
C TYR B 50 17.25 32.16 13.61
N GLY B 51 17.04 33.47 13.52
CA GLY B 51 17.69 34.22 12.45
C GLY B 51 16.88 35.34 11.84
N LYS B 52 16.48 35.15 10.59
CA LYS B 52 15.68 36.12 9.89
C LYS B 52 14.30 36.21 10.51
N THR B 53 13.81 37.44 10.67
CA THR B 53 12.51 37.68 11.29
C THR B 53 11.42 37.54 10.25
N PRO B 54 10.42 36.68 10.53
CA PRO B 54 9.46 36.14 9.54
C PRO B 54 8.35 37.09 9.11
N GLY B 55 7.68 36.73 8.02
CA GLY B 55 6.51 37.44 7.54
C GLY B 55 5.30 36.70 8.06
N TYR B 56 4.10 37.23 7.81
CA TYR B 56 2.88 36.61 8.30
C TYR B 56 1.67 36.99 7.47
N HIS B 57 0.74 36.05 7.32
CA HIS B 57 -0.52 36.33 6.65
C HIS B 57 -1.62 35.51 7.31
N GLY B 58 -2.68 36.17 7.73
CA GLY B 58 -3.76 35.49 8.42
C GLY B 58 -4.88 34.99 7.52
N ALA B 59 -4.53 34.30 6.46
CA ALA B 59 -5.56 33.79 5.54
C ALA B 59 -6.30 32.64 6.20
N ASP B 60 -7.62 32.73 6.18
CA ASP B 60 -8.45 31.59 6.59
C ASP B 60 -8.47 30.58 5.43
N LEU B 61 -7.69 29.52 5.58
CA LEU B 61 -7.51 28.54 4.50
C LEU B 61 -8.78 27.81 4.06
N SER B 62 -9.88 28.01 4.77
CA SER B 62 -11.17 27.47 4.35
C SER B 62 -11.77 28.32 3.25
N ASP B 63 -11.22 29.51 3.07
CA ASP B 63 -11.70 30.40 2.02
C ASP B 63 -10.67 30.53 0.92
N GLU B 64 -11.10 30.23 -0.30
CA GLU B 64 -10.23 30.16 -1.45
C GLU B 64 -9.60 31.52 -1.74
N ALA B 65 -10.40 32.59 -1.65
CA ALA B 65 -9.95 33.92 -2.01
C ALA B 65 -8.88 34.49 -1.06
N GLN B 66 -8.88 34.06 0.20
CA GLN B 66 -7.87 34.55 1.13
C GLN B 66 -6.53 33.88 0.85
N ILE B 67 -6.56 32.67 0.30
CA ILE B 67 -5.32 31.99 -0.03
C ILE B 67 -4.70 32.70 -1.24
N ALA B 68 -5.56 33.18 -2.13
CA ALA B 68 -5.11 33.98 -3.25
C ALA B 68 -4.47 35.26 -2.74
N ASP B 69 -5.03 35.84 -1.68
CA ASP B 69 -4.43 37.02 -1.05
C ASP B 69 -3.07 36.70 -0.45
N MET B 70 -3.02 35.67 0.38
CA MET B 70 -1.78 35.21 1.00
C MET B 70 -0.67 34.92 0.00
N MET B 71 -1.01 34.25 -1.09
CA MET B 71 0.00 33.87 -2.06
C MET B 71 0.49 35.08 -2.83
N ARG B 72 -0.41 36.03 -3.10
CA ARG B 72 -0.01 37.24 -3.82
C ARG B 72 0.74 38.18 -2.89
N TYR B 73 0.56 38.02 -1.58
CA TYR B 73 1.37 38.72 -0.60
C TYR B 73 2.76 38.09 -0.53
N ALA B 74 2.82 36.77 -0.65
CA ALA B 74 4.09 36.06 -0.67
C ALA B 74 4.94 36.50 -1.86
N GLU B 75 4.28 36.73 -2.99
CA GLU B 75 4.97 37.09 -4.21
C GLU B 75 5.36 38.58 -4.20
N SER B 76 4.43 39.42 -3.77
CA SER B 76 4.63 40.87 -3.77
C SER B 76 5.47 41.38 -2.60
N GLU B 77 5.96 40.49 -1.75
CA GLU B 77 6.76 40.92 -0.60
C GLU B 77 8.03 40.10 -0.42
N PHE B 78 8.09 38.93 -1.07
CA PHE B 78 9.25 38.05 -0.92
C PHE B 78 9.72 37.49 -2.27
N GLY B 79 9.00 37.83 -3.33
CA GLY B 79 9.34 37.36 -4.66
C GLY B 79 9.05 35.89 -4.87
N GLY B 80 8.01 35.37 -4.20
CA GLY B 80 7.54 34.00 -4.39
C GLY B 80 7.89 33.01 -3.29
N VAL B 81 7.27 31.84 -3.34
CA VAL B 81 7.59 30.73 -2.45
C VAL B 81 8.50 29.73 -3.16
N ASP B 82 9.57 29.33 -2.49
CA ASP B 82 10.42 28.26 -3.00
C ASP B 82 10.07 26.95 -2.32
N ILE B 83 9.59 27.06 -1.09
CA ILE B 83 9.34 25.92 -0.23
C ILE B 83 7.98 26.11 0.39
N LEU B 84 7.05 25.27 -0.03
CA LEU B 84 5.67 25.37 0.43
C LEU B 84 5.35 24.20 1.33
N ILE B 85 5.18 24.48 2.64
CA ILE B 85 4.75 23.47 3.59
C ILE B 85 3.26 23.59 3.91
N ASN B 86 2.45 22.72 3.32
CA ASN B 86 1.04 22.68 3.65
C ASN B 86 0.81 21.85 4.91
N ASN B 87 0.58 22.54 6.03
CA ASN B 87 0.51 21.86 7.30
C ASN B 87 -0.82 22.03 8.00
N ALA B 88 -1.46 23.17 7.81
CA ALA B 88 -2.72 23.48 8.48
C ALA B 88 -3.77 22.35 8.40
N GLY B 89 -4.45 22.12 9.51
CA GLY B 89 -5.38 21.00 9.62
C GLY B 89 -6.28 21.12 10.85
N ILE B 90 -7.46 20.53 10.75
CA ILE B 90 -8.43 20.54 11.84
C ILE B 90 -9.09 19.18 11.96
N GLN B 91 -9.77 18.96 13.06
CA GLN B 91 -10.26 17.63 13.36
C GLN B 91 -11.66 17.67 13.97
N HIS B 92 -12.47 16.68 13.63
CA HIS B 92 -13.73 16.48 14.33
C HIS B 92 -14.04 15.00 14.45
N VAL B 93 -14.15 14.52 15.69
CA VAL B 93 -14.38 13.09 15.94
C VAL B 93 -15.86 12.82 16.13
N SER B 94 -16.41 11.95 15.29
CA SER B 94 -17.83 11.65 15.34
C SER B 94 -18.17 10.41 14.52
N PRO B 95 -19.10 9.57 15.02
CA PRO B 95 -19.68 8.58 14.11
C PRO B 95 -20.24 9.28 12.87
N ILE B 96 -20.30 8.58 11.73
CA ILE B 96 -20.63 9.26 10.50
C ILE B 96 -22.09 9.74 10.42
N GLU B 97 -23.05 8.95 10.90
CA GLU B 97 -24.46 9.33 10.73
C GLU B 97 -24.85 10.57 11.54
N THR B 98 -23.99 10.96 12.50
CA THR B 98 -24.21 12.16 13.28
C THR B 98 -23.00 13.10 13.17
N PHE B 99 -22.26 12.94 12.09
CA PHE B 99 -21.21 13.87 11.70
C PHE B 99 -21.86 15.13 11.11
N PRO B 100 -21.55 16.30 11.64
CA PRO B 100 -22.08 17.54 11.05
C PRO B 100 -21.56 17.79 9.64
N VAL B 101 -22.48 18.16 8.75
CA VAL B 101 -22.16 18.52 7.39
C VAL B 101 -21.19 19.69 7.35
N ASP B 102 -21.38 20.64 8.27
CA ASP B 102 -20.48 21.78 8.43
C ASP B 102 -19.04 21.36 8.70
N LYS B 103 -18.85 20.43 9.62
CA LYS B 103 -17.49 20.01 9.96
C LYS B 103 -16.89 19.28 8.76
N TRP B 104 -17.70 18.47 8.07
CA TRP B 104 -17.26 17.78 6.86
C TRP B 104 -16.75 18.78 5.83
N ASN B 105 -17.54 19.81 5.54
CA ASN B 105 -17.14 20.80 4.56
C ASN B 105 -15.88 21.56 4.98
N ALA B 106 -15.78 21.85 6.29
CA ALA B 106 -14.64 22.64 6.78
C ALA B 106 -13.36 21.82 6.73
N ILE B 107 -13.44 20.56 7.16
CA ILE B 107 -12.29 19.66 7.16
C ILE B 107 -11.80 19.42 5.72
N ILE B 108 -12.72 19.20 4.78
CA ILE B 108 -12.33 19.07 3.38
C ILE B 108 -11.67 20.36 2.86
N ALA B 109 -12.27 21.51 3.17
CA ALA B 109 -11.75 22.78 2.69
C ALA B 109 -10.32 23.04 3.20
N ILE B 110 -10.09 22.81 4.47
CA ILE B 110 -8.83 23.19 5.10
C ILE B 110 -7.76 22.12 4.90
N ASN B 111 -8.13 20.87 5.18
CA ASN B 111 -7.15 19.78 5.15
C ASN B 111 -6.85 19.27 3.75
N LEU B 112 -7.77 19.44 2.80
CA LEU B 112 -7.55 18.95 1.45
C LEU B 112 -7.46 20.07 0.40
N SER B 113 -8.51 20.89 0.29
CA SER B 113 -8.60 21.87 -0.78
C SER B 113 -7.57 23.01 -0.69
N SER B 114 -7.15 23.36 0.51
CA SER B 114 -6.16 24.42 0.66
C SER B 114 -4.84 24.00 0.00
N VAL B 115 -4.55 22.70 0.05
CA VAL B 115 -3.33 22.19 -0.55
C VAL B 115 -3.39 22.37 -2.07
N PHE B 116 -4.58 22.20 -2.64
CA PHE B 116 -4.78 22.46 -4.06
C PHE B 116 -4.58 23.94 -4.36
N HIS B 117 -5.19 24.81 -3.57
CA HIS B 117 -5.14 26.24 -3.85
C HIS B 117 -3.73 26.83 -3.68
N THR B 118 -3.04 26.52 -2.59
CA THR B 118 -1.65 26.96 -2.43
C THR B 118 -0.74 26.45 -3.56
N THR B 119 -0.81 25.16 -3.82
CA THR B 119 0.09 24.51 -4.77
C THR B 119 -0.09 25.08 -6.17
N ARG B 120 -1.34 25.31 -6.55
CA ARG B 120 -1.61 25.79 -7.89
C ARG B 120 -1.14 27.24 -8.09
N LEU B 121 -0.99 27.99 -7.00
CA LEU B 121 -0.56 29.39 -7.08
C LEU B 121 0.96 29.62 -6.93
N ALA B 122 1.66 28.72 -6.24
CA ALA B 122 3.09 28.85 -6.06
C ALA B 122 3.85 28.19 -7.18
N LEU B 123 3.21 27.23 -7.84
CA LEU B 123 3.89 26.41 -8.81
C LEU B 123 4.39 27.19 -10.04
N PRO B 124 3.61 28.18 -10.55
CA PRO B 124 4.15 28.89 -11.73
C PRO B 124 5.50 29.55 -11.43
N GLY B 125 5.58 30.30 -10.33
CA GLY B 125 6.83 30.88 -9.89
C GLY B 125 7.93 29.85 -9.72
N MET B 126 7.61 28.72 -9.09
CA MET B 126 8.60 27.66 -8.92
C MET B 126 9.10 27.16 -10.26
N ARG B 127 8.19 26.99 -11.22
CA ARG B 127 8.54 26.56 -12.57
C ARG B 127 9.48 27.55 -13.29
N ALA B 128 9.27 28.85 -13.10
CA ALA B 128 10.12 29.87 -13.70
C ALA B 128 11.56 29.83 -13.16
N ARG B 129 11.70 29.64 -11.86
CA ARG B 129 13.02 29.54 -11.23
C ARG B 129 13.56 28.12 -11.31
N ASN B 130 12.77 27.22 -11.92
CA ASN B 130 13.07 25.79 -11.96
C ASN B 130 13.62 25.20 -10.65
N TRP B 131 12.98 25.52 -9.53
CA TRP B 131 13.35 24.91 -8.26
C TRP B 131 12.21 25.05 -7.28
N GLY B 132 11.94 23.98 -6.53
CA GLY B 132 10.82 24.01 -5.63
C GLY B 132 10.66 22.80 -4.72
N ARG B 133 10.10 23.07 -3.54
CA ARG B 133 9.79 22.05 -2.56
C ARG B 133 8.36 22.22 -2.10
N ILE B 134 7.52 21.25 -2.43
CA ILE B 134 6.17 21.22 -1.89
C ILE B 134 6.11 20.06 -0.90
N ILE B 135 5.83 20.37 0.36
CA ILE B 135 5.79 19.35 1.39
C ILE B 135 4.46 19.42 2.13
N ASN B 136 3.68 18.36 2.02
CA ASN B 136 2.34 18.30 2.59
C ASN B 136 2.33 17.43 3.85
N ILE B 137 1.99 18.02 4.98
CA ILE B 137 1.90 17.23 6.19
C ILE B 137 0.55 16.55 6.19
N ALA B 138 0.53 15.25 5.93
CA ALA B 138 -0.74 14.54 6.01
C ALA B 138 -0.86 13.89 7.40
N SER B 139 -0.82 12.56 7.42
CA SER B 139 -1.06 11.80 8.64
C SER B 139 -0.92 10.34 8.32
N VAL B 140 -0.76 9.50 9.33
CA VAL B 140 -0.93 8.06 9.12
C VAL B 140 -2.31 7.80 8.53
N HIS B 141 -3.23 8.74 8.75
CA HIS B 141 -4.60 8.59 8.29
C HIS B 141 -4.79 8.94 6.82
N GLY B 142 -3.67 9.21 6.15
CA GLY B 142 -3.66 9.30 4.71
C GLY B 142 -3.34 7.92 4.15
N LEU B 143 -2.99 7.01 5.04
CA LEU B 143 -2.62 5.64 4.66
C LEU B 143 -3.58 4.60 5.25
N VAL B 144 -3.88 4.69 6.55
CA VAL B 144 -4.90 3.81 7.12
C VAL B 144 -6.04 4.63 7.72
N ALA B 145 -6.98 3.97 8.40
CA ALA B 145 -8.14 4.67 8.96
C ALA B 145 -8.34 4.40 10.46
N SER B 146 -9.17 5.23 11.06
CA SER B 146 -9.64 5.06 12.43
C SER B 146 -11.11 5.40 12.45
N LYS B 147 -11.89 4.69 13.27
CA LYS B 147 -13.32 4.92 13.31
C LYS B 147 -13.62 6.34 13.81
N GLU B 148 -14.75 6.88 13.37
CA GLU B 148 -15.25 8.19 13.82
C GLU B 148 -14.39 9.37 13.35
N LYS B 149 -13.57 9.17 12.32
CA LYS B 149 -12.79 10.28 11.76
C LYS B 149 -12.95 10.40 10.25
N SER B 150 -14.18 10.22 9.76
CA SER B 150 -14.42 10.08 8.32
C SER B 150 -13.90 11.26 7.48
N ALA B 151 -14.22 12.49 7.86
CA ALA B 151 -13.83 13.64 7.07
C ALA B 151 -12.30 13.82 7.09
N TYR B 152 -11.69 13.50 8.21
CA TYR B 152 -10.26 13.63 8.36
C TYR B 152 -9.49 12.57 7.56
N VAL B 153 -9.95 11.33 7.63
CA VAL B 153 -9.28 10.27 6.89
C VAL B 153 -9.46 10.48 5.38
N ALA B 154 -10.66 10.94 4.99
CA ALA B 154 -10.92 11.25 3.58
C ALA B 154 -9.96 12.32 3.07
N ALA B 155 -9.85 13.41 3.83
CA ALA B 155 -9.05 14.55 3.41
C ALA B 155 -7.60 14.16 3.27
N LYS B 156 -7.11 13.40 4.24
CA LYS B 156 -5.69 13.08 4.29
C LYS B 156 -5.32 12.07 3.20
N HIS B 157 -6.18 11.07 3.01
CA HIS B 157 -6.04 10.17 1.87
C HIS B 157 -6.00 11.01 0.59
N GLY B 158 -6.94 11.95 0.51
CA GLY B 158 -7.00 12.86 -0.62
C GLY B 158 -5.71 13.62 -0.80
N VAL B 159 -5.15 14.14 0.29
CA VAL B 159 -3.88 14.84 0.23
C VAL B 159 -2.78 13.95 -0.34
N VAL B 160 -2.70 12.70 0.11
CA VAL B 160 -1.69 11.79 -0.41
C VAL B 160 -1.84 11.57 -1.92
N GLY B 161 -3.07 11.46 -2.40
CA GLY B 161 -3.32 11.30 -3.82
C GLY B 161 -2.96 12.56 -4.60
N LEU B 162 -3.27 13.71 -4.01
CA LEU B 162 -2.99 14.97 -4.66
C LEU B 162 -1.47 15.16 -4.85
N THR B 163 -0.73 14.84 -3.80
CA THR B 163 0.74 14.88 -3.79
C THR B 163 1.37 14.03 -4.89
N LYS B 164 0.89 12.81 -5.03
CA LYS B 164 1.40 11.89 -6.04
C LYS B 164 1.23 12.45 -7.46
N THR B 165 0.10 13.11 -7.70
CA THR B 165 -0.17 13.64 -9.03
C THR B 165 0.72 14.85 -9.32
N ILE B 166 0.72 15.83 -8.43
CA ILE B 166 1.59 17.00 -8.58
C ILE B 166 3.05 16.62 -8.77
N ALA B 167 3.50 15.58 -8.07
CA ALA B 167 4.85 15.07 -8.24
C ALA B 167 5.10 14.55 -9.66
N LEU B 168 4.12 13.85 -10.22
CA LEU B 168 4.23 13.33 -11.57
C LEU B 168 4.20 14.48 -12.59
N GLU B 169 3.51 15.55 -12.24
CA GLU B 169 3.34 16.71 -13.12
C GLU B 169 4.65 17.53 -13.16
N THR B 170 5.42 17.47 -12.07
CA THR B 170 6.68 18.18 -11.96
C THR B 170 7.87 17.24 -12.06
N ALA B 171 7.59 15.97 -12.35
CA ALA B 171 8.61 14.91 -12.37
C ALA B 171 9.93 15.35 -13.03
N GLN B 172 9.83 16.02 -14.17
CA GLN B 172 11.01 16.35 -14.96
C GLN B 172 11.55 17.77 -14.73
N THR B 173 11.26 18.32 -13.57
CA THR B 173 11.78 19.61 -13.17
C THR B 173 12.56 19.45 -11.86
N GLU B 174 13.17 20.52 -11.38
CA GLU B 174 13.86 20.43 -10.11
C GLU B 174 12.88 20.69 -8.95
N ILE B 175 11.60 20.59 -9.24
CA ILE B 175 10.54 20.73 -8.25
C ILE B 175 10.11 19.35 -7.76
N THR B 176 10.18 19.13 -6.46
CA THR B 176 9.62 17.91 -5.88
C THR B 176 8.38 18.23 -5.07
N CYS B 177 7.55 17.21 -4.88
CA CYS B 177 6.33 17.29 -4.09
C CYS B 177 6.08 15.98 -3.37
N ASN B 178 6.06 16.05 -2.04
CA ASN B 178 6.02 14.88 -1.17
C ASN B 178 5.08 15.08 -0.01
N ALA B 179 4.67 13.97 0.61
CA ALA B 179 3.89 14.05 1.84
C ALA B 179 4.58 13.37 3.01
N LEU B 180 4.42 13.96 4.21
CA LEU B 180 4.86 13.35 5.45
C LEU B 180 3.65 12.83 6.19
N CYS B 181 3.75 11.61 6.71
CA CYS B 181 2.63 11.00 7.42
C CYS B 181 2.99 10.62 8.86
N PRO B 182 2.97 11.60 9.77
CA PRO B 182 3.24 11.28 11.17
C PRO B 182 2.10 10.55 11.89
N GLY B 183 2.47 9.75 12.89
CA GLY B 183 1.53 9.27 13.89
C GLY B 183 1.29 10.32 14.98
N TRP B 184 1.09 9.90 16.24
CA TRP B 184 0.86 10.85 17.34
C TRP B 184 2.08 11.76 17.56
N VAL B 185 1.82 13.06 17.54
CA VAL B 185 2.85 14.04 17.81
C VAL B 185 2.49 14.88 19.04
N LEU B 186 3.46 15.03 19.94
CA LEU B 186 3.31 15.83 21.16
C LEU B 186 3.14 17.31 20.85
N THR B 187 1.90 17.72 20.61
CA THR B 187 1.59 19.10 20.31
C THR B 187 0.85 19.63 21.53
N PRO B 188 0.47 20.91 21.56
CA PRO B 188 -0.20 21.35 22.80
C PRO B 188 -1.53 20.62 23.09
N LEU B 189 -2.24 20.16 22.07
CA LEU B 189 -3.54 19.51 22.33
C LEU B 189 -3.35 18.09 22.90
N VAL B 190 -2.31 17.41 22.45
CA VAL B 190 -2.03 16.05 22.92
C VAL B 190 -1.47 16.06 24.35
N GLN B 191 -0.57 16.99 24.63
CA GLN B 191 -0.01 17.14 25.98
C GLN B 191 -1.10 17.48 27.01
N GLN B 192 -2.10 18.23 26.56
CA GLN B 192 -3.21 18.60 27.43
C GLN B 192 -4.08 17.39 27.74
N GLN B 193 -4.06 16.40 26.84
CA GLN B 193 -4.76 15.15 27.09
C GLN B 193 -3.94 14.24 28.00
N ILE B 194 -2.61 14.34 27.89
CA ILE B 194 -1.71 13.60 28.76
C ILE B 194 -1.93 14.01 30.22
N ASP B 195 -1.94 15.33 30.45
CA ASP B 195 -2.07 15.88 31.80
C ASP B 195 -3.45 15.58 32.39
N LYS B 196 -4.44 15.47 31.50
CA LYS B 196 -5.80 15.10 31.83
C LYS B 196 -5.85 13.78 32.60
N ARG B 197 -5.11 12.79 32.11
CA ARG B 197 -5.07 11.47 32.73
C ARG B 197 -4.20 11.45 34.00
N ILE B 198 -3.08 12.15 33.98
CA ILE B 198 -2.21 12.23 35.15
C ILE B 198 -2.97 12.83 36.33
N ALA B 199 -3.76 13.86 36.06
CA ALA B 199 -4.56 14.50 37.11
C ALA B 199 -5.68 13.57 37.59
N GLU B 200 -6.05 12.62 36.73
CA GLU B 200 -7.08 11.62 37.02
C GLU B 200 -6.57 10.58 38.02
N GLY B 201 -5.24 10.46 38.12
CA GLY B 201 -4.63 9.49 39.03
C GLY B 201 -3.53 8.67 38.37
N ALA B 202 -3.53 8.65 37.04
CA ALA B 202 -2.58 7.85 36.29
C ALA B 202 -1.16 8.39 36.44
N GLU B 203 -0.19 7.49 36.53
CA GLU B 203 1.21 7.89 36.50
C GLU B 203 1.55 8.29 35.05
N PRO B 204 2.52 9.20 34.87
CA PRO B 204 2.85 9.79 33.56
C PRO B 204 3.03 8.77 32.43
N GLU B 205 4.01 7.89 32.55
CA GLU B 205 4.29 6.87 31.53
C GLU B 205 3.23 5.77 31.51
N ALA B 206 2.17 5.96 32.28
CA ALA B 206 1.00 5.10 32.21
C ALA B 206 -0.10 5.79 31.41
N ALA B 207 -0.08 7.12 31.42
CA ALA B 207 -1.06 7.91 30.68
C ALA B 207 -0.68 8.01 29.21
N ARG B 208 0.63 7.97 28.93
CA ARG B 208 1.09 8.08 27.56
C ARG B 208 0.74 6.84 26.79
N ASP B 209 1.12 5.68 27.29
CA ASP B 209 0.81 4.44 26.58
C ASP B 209 -0.68 4.10 26.69
N ALA B 210 -1.40 4.76 27.60
CA ALA B 210 -2.85 4.61 27.58
C ALA B 210 -3.36 5.27 26.31
N LEU B 211 -2.70 6.35 25.94
CA LEU B 211 -3.05 7.11 24.74
C LEU B 211 -2.39 6.55 23.47
N LEU B 212 -1.32 5.78 23.61
CA LEU B 212 -0.57 5.32 22.43
C LEU B 212 -0.55 3.81 22.22
N ALA B 213 -1.06 3.03 23.18
CA ALA B 213 -0.91 1.58 23.12
C ALA B 213 -1.55 1.01 21.88
N GLU B 214 -2.84 1.29 21.69
CA GLU B 214 -3.59 0.72 20.58
C GLU B 214 -2.92 0.99 19.22
N LYS B 215 -2.50 2.22 18.99
CA LYS B 215 -2.11 2.64 17.64
C LYS B 215 -0.60 2.80 17.39
N GLN B 216 0.17 3.08 18.43
CA GLN B 216 1.58 3.43 18.20
C GLN B 216 2.53 2.55 19.01
N PRO B 217 3.00 1.46 18.39
CA PRO B 217 3.81 0.43 19.07
C PRO B 217 5.05 0.96 19.84
N SER B 218 5.70 2.04 19.41
CA SER B 218 6.84 2.51 20.19
C SER B 218 6.44 3.06 21.57
N ARG B 219 5.17 3.45 21.69
CA ARG B 219 4.63 4.11 22.88
C ARG B 219 5.42 5.37 23.21
N GLU B 220 5.79 6.07 22.15
CA GLU B 220 6.59 7.26 22.24
C GLU B 220 6.11 8.25 21.18
N PHE B 221 6.00 9.52 21.55
CA PHE B 221 5.51 10.53 20.62
C PHE B 221 6.55 10.88 19.58
N VAL B 222 6.06 11.22 18.39
CA VAL B 222 6.85 11.94 17.40
C VAL B 222 6.93 13.39 17.88
N THR B 223 8.03 14.10 17.62
CA THR B 223 8.08 15.50 18.01
C THR B 223 8.06 16.42 16.79
N PRO B 224 7.56 17.65 16.98
CA PRO B 224 7.56 18.65 15.91
C PRO B 224 8.97 18.92 15.38
N GLU B 225 9.98 18.70 16.21
CA GLU B 225 11.37 18.87 15.80
C GLU B 225 11.86 17.75 14.89
N GLN B 226 11.47 16.52 15.18
CA GLN B 226 11.80 15.37 14.36
C GLN B 226 11.25 15.54 12.94
N LEU B 227 9.99 15.99 12.88
CA LEU B 227 9.31 16.27 11.62
C LEU B 227 10.02 17.40 10.87
N GLY B 228 10.42 18.44 11.59
CA GLY B 228 11.10 19.57 10.98
C GLY B 228 12.43 19.16 10.38
N ASN B 229 13.07 18.17 11.00
CA ASN B 229 14.33 17.67 10.46
C ASN B 229 14.15 16.78 9.24
N LEU B 230 13.05 16.04 9.18
CA LEU B 230 12.72 15.26 7.99
C LEU B 230 12.41 16.22 6.84
N ALA B 231 11.54 17.19 7.09
CA ALA B 231 11.16 18.18 6.08
C ALA B 231 12.39 18.89 5.51
N LEU B 232 13.34 19.23 6.40
CA LEU B 232 14.59 19.84 5.99
C LEU B 232 15.38 18.91 5.07
N PHE B 233 15.40 17.62 5.35
CA PHE B 233 16.08 16.67 4.49
C PHE B 233 15.42 16.63 3.11
N LEU B 234 14.09 16.73 3.10
CA LEU B 234 13.35 16.79 1.85
C LEU B 234 13.71 18.05 1.06
N CYS B 235 14.13 19.10 1.74
CA CYS B 235 14.48 20.35 1.07
C CYS B 235 15.90 20.29 0.55
N SER B 236 16.67 19.29 0.98
CA SER B 236 18.07 19.18 0.57
C SER B 236 18.17 18.58 -0.83
N ASP B 237 19.37 18.62 -1.40
CA ASP B 237 19.58 18.08 -2.74
C ASP B 237 19.69 16.56 -2.76
N GLY B 238 20.01 15.97 -1.61
CA GLY B 238 19.99 14.52 -1.47
C GLY B 238 18.58 13.96 -1.61
N ALA B 239 17.58 14.83 -1.49
CA ALA B 239 16.18 14.48 -1.75
C ALA B 239 15.73 14.87 -3.16
N ALA B 240 16.67 15.12 -4.06
CA ALA B 240 16.37 15.57 -5.42
C ALA B 240 15.36 14.65 -6.11
N GLN B 241 15.62 13.34 -6.03
CA GLN B 241 14.72 12.35 -6.61
C GLN B 241 13.67 11.74 -5.67
N VAL B 242 13.40 12.39 -4.53
CA VAL B 242 12.27 11.98 -3.70
C VAL B 242 10.98 12.68 -4.17
N ARG B 243 10.09 11.92 -4.78
CA ARG B 243 8.90 12.49 -5.44
C ARG B 243 7.67 11.61 -5.29
N GLY B 244 6.52 12.20 -4.99
CA GLY B 244 5.26 11.45 -4.92
C GLY B 244 5.15 10.55 -3.70
N VAL B 245 5.88 10.93 -2.66
CA VAL B 245 6.15 10.04 -1.56
C VAL B 245 5.18 10.28 -0.38
N ALA B 246 4.82 9.23 0.33
CA ALA B 246 4.08 9.39 1.60
C ALA B 246 4.86 8.69 2.68
N TRP B 247 5.81 9.41 3.26
CA TRP B 247 6.73 8.84 4.24
C TRP B 247 6.16 8.90 5.65
N ASN B 248 5.93 7.75 6.25
CA ASN B 248 5.38 7.75 7.60
C ASN B 248 6.47 7.83 8.70
N MET B 249 6.20 8.65 9.71
CA MET B 249 7.03 8.76 10.94
C MET B 249 6.07 8.59 12.12
N ASP B 250 5.96 7.35 12.62
CA ASP B 250 4.72 6.96 13.26
C ASP B 250 4.90 5.93 14.38
N GLY B 251 6.15 5.74 14.77
CA GLY B 251 6.49 4.76 15.78
C GLY B 251 6.01 3.34 15.53
N GLY B 252 5.72 2.99 14.27
CA GLY B 252 5.34 1.63 13.92
C GLY B 252 3.86 1.41 13.63
N TRP B 253 3.10 2.50 13.64
CA TRP B 253 1.65 2.48 13.40
C TRP B 253 1.23 1.70 12.13
N VAL B 254 1.79 2.08 10.99
CA VAL B 254 1.35 1.50 9.71
C VAL B 254 2.01 0.15 9.45
N ALA B 255 3.17 -0.11 10.06
CA ALA B 255 3.77 -1.43 9.89
C ALA B 255 2.88 -2.52 10.50
N GLN B 256 2.04 -2.11 11.44
CA GLN B 256 1.13 -3.00 12.16
C GLN B 256 -0.16 -3.23 11.38
N ASN C 2 -32.19 -14.61 -4.40
CA ASN C 2 -30.86 -14.29 -3.86
C ASN C 2 -30.83 -12.92 -3.18
N LEU C 3 -31.11 -11.86 -3.94
CA LEU C 3 -31.23 -10.51 -3.41
C LEU C 3 -32.66 -10.03 -3.43
N THR C 4 -33.59 -10.96 -3.59
CA THR C 4 -35.02 -10.66 -3.52
C THR C 4 -35.39 -10.05 -2.15
N GLY C 5 -36.22 -9.00 -2.18
CA GLY C 5 -36.59 -8.31 -0.96
C GLY C 5 -35.54 -7.35 -0.44
N LYS C 6 -34.50 -7.09 -1.22
CA LYS C 6 -33.50 -6.09 -0.83
C LYS C 6 -33.47 -4.95 -1.84
N THR C 7 -33.36 -3.75 -1.31
CA THR C 7 -33.40 -2.53 -2.12
C THR C 7 -31.97 -2.04 -2.34
N ALA C 8 -31.63 -1.83 -3.60
CA ALA C 8 -30.31 -1.35 -3.98
C ALA C 8 -30.45 0.00 -4.66
N LEU C 9 -29.67 0.97 -4.20
CA LEU C 9 -29.58 2.25 -4.86
C LEU C 9 -28.20 2.42 -5.50
N VAL C 10 -28.19 2.69 -6.78
CA VAL C 10 -26.95 2.88 -7.52
C VAL C 10 -26.94 4.30 -8.05
N THR C 11 -25.97 5.11 -7.64
CA THR C 11 -25.90 6.48 -8.14
C THR C 11 -25.25 6.48 -9.52
N GLY C 12 -25.71 7.39 -10.39
CA GLY C 12 -25.21 7.46 -11.75
C GLY C 12 -25.38 6.15 -12.50
N SER C 13 -26.61 5.68 -12.61
CA SER C 13 -26.85 4.35 -13.17
C SER C 13 -27.72 4.43 -14.43
N THR C 14 -27.79 5.61 -15.03
CA THR C 14 -28.53 5.77 -16.26
C THR C 14 -27.63 5.35 -17.43
N SER C 15 -26.35 5.15 -17.15
CA SER C 15 -25.39 4.72 -18.17
C SER C 15 -24.15 4.03 -17.61
N GLY C 16 -23.38 3.43 -18.52
CA GLY C 16 -22.04 2.94 -18.23
C GLY C 16 -21.93 1.88 -17.15
N ILE C 17 -20.87 2.01 -16.36
CA ILE C 17 -20.59 1.10 -15.25
C ILE C 17 -21.79 0.93 -14.29
N GLY C 18 -22.46 2.03 -13.96
CA GLY C 18 -23.51 2.02 -12.97
C GLY C 18 -24.71 1.24 -13.48
N LEU C 19 -24.98 1.40 -14.77
CA LEU C 19 -26.11 0.73 -15.40
C LEU C 19 -25.85 -0.77 -15.48
N GLY C 20 -24.60 -1.15 -15.73
CA GLY C 20 -24.20 -2.53 -15.75
C GLY C 20 -24.35 -3.20 -14.40
N ILE C 21 -23.94 -2.51 -13.34
CA ILE C 21 -24.05 -3.04 -11.98
C ILE C 21 -25.53 -3.16 -11.60
N ALA C 22 -26.35 -2.19 -12.01
CA ALA C 22 -27.77 -2.24 -11.72
C ALA C 22 -28.45 -3.46 -12.38
N GLN C 23 -28.13 -3.73 -13.65
CA GLN C 23 -28.71 -4.89 -14.31
C GLN C 23 -28.32 -6.20 -13.62
N VAL C 24 -27.04 -6.33 -13.25
CA VAL C 24 -26.58 -7.54 -12.58
C VAL C 24 -27.28 -7.75 -11.22
N LEU C 25 -27.44 -6.70 -10.43
CA LEU C 25 -28.16 -6.86 -9.15
C LEU C 25 -29.63 -7.17 -9.40
N ALA C 26 -30.18 -6.56 -10.45
CA ALA C 26 -31.58 -6.75 -10.80
C ALA C 26 -31.87 -8.21 -11.14
N GLN C 27 -30.99 -8.83 -11.91
CA GLN C 27 -31.23 -10.21 -12.31
C GLN C 27 -31.06 -11.15 -11.12
N ALA C 28 -30.37 -10.67 -10.09
CA ALA C 28 -30.13 -11.46 -8.88
C ALA C 28 -31.29 -11.34 -7.89
N GLY C 29 -32.28 -10.54 -8.25
CA GLY C 29 -33.51 -10.44 -7.48
C GLY C 29 -33.74 -9.08 -6.87
N ALA C 30 -32.68 -8.28 -6.86
CA ALA C 30 -32.68 -6.99 -6.17
C ALA C 30 -33.67 -6.01 -6.77
N THR C 31 -34.27 -5.22 -5.90
CA THR C 31 -35.10 -4.10 -6.30
C THR C 31 -34.24 -2.84 -6.42
N LEU C 32 -34.18 -2.25 -7.61
CA LEU C 32 -33.25 -1.15 -7.82
C LEU C 32 -33.91 0.21 -7.86
N ILE C 33 -33.09 1.19 -7.52
CA ILE C 33 -33.37 2.60 -7.67
C ILE C 33 -32.22 3.17 -8.49
N LEU C 34 -32.54 3.75 -9.63
CA LEU C 34 -31.54 4.32 -10.50
C LEU C 34 -31.43 5.79 -10.21
N ASN C 35 -30.31 6.37 -10.63
CA ASN C 35 -30.00 7.79 -10.43
C ASN C 35 -29.15 8.24 -11.60
N GLY C 36 -29.25 9.51 -11.96
CA GLY C 36 -28.45 10.04 -13.05
C GLY C 36 -29.30 10.78 -14.06
N PHE C 37 -28.67 11.27 -15.11
CA PHE C 37 -29.37 12.07 -16.11
C PHE C 37 -29.31 11.40 -17.48
N GLY C 38 -29.96 12.01 -18.45
CA GLY C 38 -29.95 11.47 -19.80
C GLY C 38 -31.20 10.67 -20.11
N ASP C 39 -31.04 9.57 -20.81
CA ASP C 39 -32.18 8.76 -21.25
C ASP C 39 -32.59 7.79 -20.16
N VAL C 40 -33.41 8.27 -19.24
CA VAL C 40 -33.81 7.52 -18.06
C VAL C 40 -34.68 6.29 -18.40
N ASP C 41 -35.62 6.47 -19.33
CA ASP C 41 -36.54 5.40 -19.69
C ASP C 41 -35.82 4.22 -20.35
N ALA C 42 -34.77 4.51 -21.11
CA ALA C 42 -33.89 3.47 -21.66
C ALA C 42 -33.11 2.77 -20.53
N ALA C 43 -32.77 3.53 -19.51
CA ALA C 43 -32.05 2.96 -18.36
C ALA C 43 -33.00 2.08 -17.54
N LYS C 44 -34.18 2.60 -17.27
CA LYS C 44 -35.25 1.83 -16.66
C LYS C 44 -35.52 0.51 -17.41
N ASP C 45 -35.74 0.60 -18.72
CA ASP C 45 -36.09 -0.57 -19.51
C ASP C 45 -34.94 -1.59 -19.55
N ALA C 46 -33.71 -1.09 -19.56
CA ALA C 46 -32.53 -1.95 -19.57
C ALA C 46 -32.44 -2.78 -18.28
N VAL C 47 -32.97 -2.24 -17.19
CA VAL C 47 -32.96 -2.96 -15.94
C VAL C 47 -34.18 -3.89 -15.84
N ALA C 48 -35.37 -3.39 -16.19
CA ALA C 48 -36.63 -4.16 -16.03
C ALA C 48 -36.65 -5.42 -16.89
N GLN C 49 -35.76 -5.45 -17.87
CA GLN C 49 -35.52 -6.61 -18.71
C GLN C 49 -35.10 -7.83 -17.90
N TYR C 50 -34.40 -7.60 -16.79
CA TYR C 50 -33.81 -8.68 -16.01
C TYR C 50 -34.51 -8.91 -14.67
N GLY C 51 -35.21 -7.90 -14.18
CA GLY C 51 -35.79 -7.97 -12.86
C GLY C 51 -36.87 -6.93 -12.67
N LYS C 52 -37.16 -6.63 -11.40
CA LYS C 52 -38.25 -5.72 -11.09
C LYS C 52 -38.03 -4.35 -11.73
N THR C 53 -39.13 -3.69 -12.06
CA THR C 53 -39.09 -2.34 -12.56
C THR C 53 -38.44 -1.45 -11.51
N PRO C 54 -37.32 -0.81 -11.89
CA PRO C 54 -36.56 -0.05 -10.88
C PRO C 54 -37.23 1.26 -10.53
N GLY C 55 -36.93 1.78 -9.34
CA GLY C 55 -37.26 3.14 -9.02
C GLY C 55 -36.26 4.10 -9.66
N TYR C 56 -36.52 5.40 -9.52
CA TYR C 56 -35.63 6.43 -10.05
C TYR C 56 -35.75 7.75 -9.32
N HIS C 57 -34.61 8.39 -9.09
CA HIS C 57 -34.60 9.73 -8.52
C HIS C 57 -33.48 10.53 -9.17
N GLY C 58 -33.77 11.76 -9.58
CA GLY C 58 -32.86 12.52 -10.44
C GLY C 58 -31.93 13.48 -9.72
N ALA C 59 -31.63 13.18 -8.45
CA ALA C 59 -30.80 14.07 -7.65
C ALA C 59 -29.46 14.38 -8.30
N ASP C 60 -29.13 15.68 -8.33
CA ASP C 60 -27.80 16.15 -8.65
C ASP C 60 -26.91 15.84 -7.45
N LEU C 61 -25.91 14.98 -7.65
CA LEU C 61 -25.09 14.52 -6.52
C LEU C 61 -24.17 15.59 -5.91
N SER C 62 -24.05 16.75 -6.57
CA SER C 62 -23.22 17.82 -6.03
C SER C 62 -24.04 18.73 -5.12
N ASP C 63 -25.32 18.39 -4.96
CA ASP C 63 -26.23 19.13 -4.09
C ASP C 63 -26.59 18.23 -2.92
N GLU C 64 -26.27 18.68 -1.70
CA GLU C 64 -26.51 17.90 -0.49
C GLU C 64 -28.00 17.69 -0.25
N ALA C 65 -28.78 18.73 -0.56
CA ALA C 65 -30.22 18.71 -0.32
C ALA C 65 -30.95 17.77 -1.27
N GLN C 66 -30.47 17.70 -2.50
CA GLN C 66 -31.09 16.79 -3.47
C GLN C 66 -30.82 15.34 -3.09
N ILE C 67 -29.61 15.08 -2.61
CA ILE C 67 -29.24 13.75 -2.14
C ILE C 67 -30.17 13.34 -1.00
N ALA C 68 -30.43 14.25 -0.07
CA ALA C 68 -31.31 13.96 1.06
C ALA C 68 -32.75 13.60 0.61
N ASP C 69 -33.20 14.23 -0.46
CA ASP C 69 -34.52 13.93 -1.03
C ASP C 69 -34.53 12.54 -1.64
N MET C 70 -33.43 12.17 -2.29
CA MET C 70 -33.26 10.82 -2.84
C MET C 70 -33.35 9.78 -1.75
N MET C 71 -32.72 10.03 -0.61
CA MET C 71 -32.78 9.09 0.50
C MET C 71 -34.17 9.11 1.15
N ARG C 72 -34.81 10.27 1.16
CA ARG C 72 -36.16 10.39 1.70
C ARG C 72 -37.13 9.66 0.78
N TYR C 73 -36.76 9.59 -0.50
CA TYR C 73 -37.53 8.85 -1.50
C TYR C 73 -37.33 7.34 -1.30
N ALA C 74 -36.07 6.92 -1.12
CA ALA C 74 -35.76 5.51 -0.93
C ALA C 74 -36.43 4.97 0.33
N GLU C 75 -36.50 5.81 1.35
CA GLU C 75 -37.14 5.41 2.57
C GLU C 75 -38.65 5.26 2.33
N SER C 76 -39.29 6.30 1.81
CA SER C 76 -40.75 6.32 1.68
C SER C 76 -41.31 5.24 0.77
N GLU C 77 -40.73 5.11 -0.41
CA GLU C 77 -41.31 4.29 -1.48
C GLU C 77 -40.83 2.84 -1.46
N PHE C 78 -39.68 2.58 -0.87
CA PHE C 78 -39.10 1.24 -0.95
C PHE C 78 -38.68 0.72 0.40
N GLY C 79 -38.92 1.49 1.45
CA GLY C 79 -38.59 1.06 2.80
C GLY C 79 -37.12 1.17 3.18
N GLY C 80 -36.38 2.03 2.49
CA GLY C 80 -35.00 2.30 2.86
C GLY C 80 -34.00 1.51 2.03
N VAL C 81 -32.73 1.85 2.17
CA VAL C 81 -31.68 1.23 1.36
C VAL C 81 -30.94 0.11 2.09
N ASP C 82 -30.91 -1.08 1.49
CA ASP C 82 -30.08 -2.16 2.00
C ASP C 82 -28.72 -2.22 1.33
N ILE C 83 -28.67 -1.91 0.04
CA ILE C 83 -27.44 -1.97 -0.75
C ILE C 83 -27.18 -0.62 -1.43
N LEU C 84 -26.20 0.12 -0.93
CA LEU C 84 -25.88 1.41 -1.49
C LEU C 84 -24.61 1.31 -2.33
N ILE C 85 -24.77 1.48 -3.65
CA ILE C 85 -23.65 1.52 -4.58
C ILE C 85 -23.34 2.96 -4.98
N ASN C 86 -22.29 3.54 -4.41
CA ASN C 86 -21.85 4.88 -4.84
C ASN C 86 -21.00 4.78 -6.09
N ASN C 87 -21.50 5.29 -7.20
CA ASN C 87 -20.81 5.03 -8.46
C ASN C 87 -20.42 6.26 -9.25
N ALA C 88 -21.35 7.19 -9.42
CA ALA C 88 -21.13 8.34 -10.31
C ALA C 88 -19.81 9.10 -10.00
N GLY C 89 -19.17 9.64 -11.05
CA GLY C 89 -17.85 10.25 -10.90
C GLY C 89 -17.25 10.98 -12.11
N ILE C 90 -17.39 12.29 -12.14
CA ILE C 90 -16.91 13.08 -13.28
C ILE C 90 -15.41 13.38 -13.27
N GLN C 91 -14.97 13.97 -14.38
CA GLN C 91 -13.55 14.03 -14.71
C GLN C 91 -13.19 15.31 -15.44
N HIS C 92 -11.98 15.80 -15.19
CA HIS C 92 -11.45 16.94 -15.91
C HIS C 92 -9.94 16.83 -15.94
N VAL C 93 -9.38 16.62 -17.14
CA VAL C 93 -7.95 16.46 -17.26
C VAL C 93 -7.30 17.81 -17.49
N SER C 94 -6.35 18.17 -16.64
CA SER C 94 -5.72 19.48 -16.69
C SER C 94 -4.52 19.59 -15.75
N PRO C 95 -3.47 20.31 -16.18
CA PRO C 95 -2.39 20.70 -15.26
C PRO C 95 -2.99 21.42 -14.07
N ILE C 96 -2.41 21.20 -12.89
CA ILE C 96 -2.98 21.81 -11.70
C ILE C 96 -2.98 23.34 -11.78
N GLU C 97 -1.95 23.91 -12.41
CA GLU C 97 -1.81 25.38 -12.54
C GLU C 97 -2.98 26.03 -13.27
N THR C 98 -3.45 25.41 -14.34
CA THR C 98 -4.61 25.93 -15.06
C THR C 98 -5.86 25.10 -14.80
N PHE C 99 -6.00 24.60 -13.56
CA PHE C 99 -7.15 23.76 -13.18
C PHE C 99 -8.27 24.62 -12.58
N PRO C 100 -9.41 24.72 -13.28
CA PRO C 100 -10.49 25.59 -12.81
C PRO C 100 -11.00 25.24 -11.41
N VAL C 101 -11.26 26.27 -10.62
CA VAL C 101 -11.69 26.05 -9.25
C VAL C 101 -13.08 25.42 -9.20
N ASP C 102 -13.93 25.74 -10.17
CA ASP C 102 -15.29 25.20 -10.14
C ASP C 102 -15.24 23.72 -10.47
N LYS C 103 -14.26 23.37 -11.31
CA LYS C 103 -14.00 21.99 -11.72
C LYS C 103 -13.48 21.14 -10.57
N TRP C 104 -12.48 21.66 -9.86
CA TRP C 104 -12.01 21.06 -8.60
C TRP C 104 -13.17 20.84 -7.63
N ASN C 105 -13.96 21.88 -7.42
CA ASN C 105 -15.05 21.81 -6.44
C ASN C 105 -16.16 20.85 -6.83
N ALA C 106 -16.47 20.79 -8.12
CA ALA C 106 -17.56 19.92 -8.59
C ALA C 106 -17.14 18.45 -8.47
N ILE C 107 -15.88 18.18 -8.81
CA ILE C 107 -15.33 16.83 -8.76
C ILE C 107 -15.27 16.29 -7.32
N ILE C 108 -14.83 17.13 -6.38
CA ILE C 108 -14.76 16.77 -4.98
C ILE C 108 -16.17 16.52 -4.45
N ALA C 109 -17.09 17.41 -4.81
CA ALA C 109 -18.46 17.33 -4.34
C ALA C 109 -19.12 16.06 -4.86
N ILE C 110 -19.02 15.85 -6.16
CA ILE C 110 -19.66 14.71 -6.79
C ILE C 110 -18.94 13.39 -6.44
N ASN C 111 -17.64 13.33 -6.67
CA ASN C 111 -16.92 12.06 -6.50
C ASN C 111 -16.55 11.70 -5.06
N LEU C 112 -16.58 12.65 -4.14
CA LEU C 112 -16.21 12.36 -2.75
C LEU C 112 -17.34 12.68 -1.76
N SER C 113 -17.77 13.94 -1.74
CA SER C 113 -18.77 14.40 -0.79
C SER C 113 -20.12 13.71 -0.94
N SER C 114 -20.46 13.30 -2.16
CA SER C 114 -21.71 12.61 -2.38
C SER C 114 -21.68 11.26 -1.66
N VAL C 115 -20.51 10.64 -1.64
CA VAL C 115 -20.36 9.35 -0.97
C VAL C 115 -20.60 9.48 0.53
N PHE C 116 -20.10 10.58 1.12
CA PHE C 116 -20.35 10.87 2.53
C PHE C 116 -21.82 11.03 2.80
N HIS C 117 -22.51 11.75 1.92
CA HIS C 117 -23.91 12.09 2.12
C HIS C 117 -24.82 10.87 2.06
N THR C 118 -24.68 10.08 1.00
CA THR C 118 -25.53 8.90 0.84
C THR C 118 -25.30 7.92 1.99
N THR C 119 -24.04 7.64 2.32
CA THR C 119 -23.73 6.66 3.36
C THR C 119 -24.20 7.10 4.76
N ARG C 120 -24.17 8.40 5.04
CA ARG C 120 -24.55 8.86 6.38
C ARG C 120 -26.08 8.89 6.54
N LEU C 121 -26.80 8.95 5.43
CA LEU C 121 -28.26 8.97 5.47
C LEU C 121 -28.87 7.58 5.29
N ALA C 122 -28.07 6.62 4.79
CA ALA C 122 -28.56 5.26 4.61
C ALA C 122 -28.25 4.40 5.81
N LEU C 123 -27.17 4.72 6.50
CA LEU C 123 -26.65 3.88 7.57
C LEU C 123 -27.58 3.65 8.77
N PRO C 124 -28.36 4.68 9.20
CA PRO C 124 -29.25 4.40 10.34
C PRO C 124 -30.25 3.27 10.06
N GLY C 125 -30.91 3.32 8.91
CA GLY C 125 -31.82 2.27 8.50
C GLY C 125 -31.15 0.92 8.45
N MET C 126 -29.97 0.87 7.80
CA MET C 126 -29.17 -0.35 7.77
C MET C 126 -28.83 -0.89 9.17
N ARG C 127 -28.54 0.00 10.11
CA ARG C 127 -28.16 -0.39 11.46
C ARG C 127 -29.34 -1.01 12.22
N ALA C 128 -30.51 -0.41 12.10
CA ALA C 128 -31.72 -0.93 12.72
C ALA C 128 -31.99 -2.37 12.30
N ARG C 129 -31.81 -2.66 11.01
CA ARG C 129 -32.08 -4.01 10.49
C ARG C 129 -30.89 -4.94 10.65
N ASN C 130 -29.79 -4.41 11.19
CA ASN C 130 -28.50 -5.11 11.20
C ASN C 130 -28.17 -5.84 9.87
N TRP C 131 -28.40 -5.17 8.74
CA TRP C 131 -27.89 -5.68 7.48
C TRP C 131 -27.71 -4.55 6.47
N GLY C 132 -26.62 -4.63 5.72
CA GLY C 132 -26.36 -3.63 4.72
C GLY C 132 -25.09 -3.88 3.97
N ARG C 133 -25.06 -3.39 2.73
CA ARG C 133 -23.86 -3.38 1.90
C ARG C 133 -23.64 -1.98 1.36
N ILE C 134 -22.49 -1.40 1.67
CA ILE C 134 -22.09 -0.15 1.06
C ILE C 134 -20.89 -0.43 0.15
N ILE C 135 -21.08 -0.23 -1.15
CA ILE C 135 -20.04 -0.49 -2.12
C ILE C 135 -19.77 0.79 -2.91
N ASN C 136 -18.55 1.30 -2.78
CA ASN C 136 -18.16 2.53 -3.48
C ASN C 136 -17.29 2.21 -4.69
N ILE C 137 -17.64 2.77 -5.83
CA ILE C 137 -16.83 2.56 -7.01
C ILE C 137 -15.77 3.63 -7.03
N ALA C 138 -14.56 3.25 -6.63
CA ALA C 138 -13.47 4.20 -6.63
C ALA C 138 -12.83 4.12 -8.02
N SER C 139 -11.53 3.88 -8.07
CA SER C 139 -10.86 3.57 -9.33
C SER C 139 -9.44 3.17 -8.98
N VAL C 140 -8.66 2.77 -9.97
CA VAL C 140 -7.24 2.58 -9.72
C VAL C 140 -6.60 3.88 -9.24
N HIS C 141 -7.23 5.00 -9.56
CA HIS C 141 -6.70 6.32 -9.19
C HIS C 141 -7.01 6.67 -7.73
N GLY C 142 -7.58 5.71 -7.02
CA GLY C 142 -7.75 5.80 -5.60
C GLY C 142 -6.54 5.19 -4.94
N LEU C 143 -5.76 4.44 -5.71
CA LEU C 143 -4.56 3.78 -5.18
C LEU C 143 -3.25 4.33 -5.75
N VAL C 144 -3.25 4.70 -7.04
CA VAL C 144 -2.08 5.37 -7.61
C VAL C 144 -2.50 6.64 -8.29
N ALA C 145 -1.54 7.37 -8.87
CA ALA C 145 -1.82 8.63 -9.53
C ALA C 145 -1.51 8.59 -11.02
N SER C 146 -2.15 9.51 -11.75
CA SER C 146 -1.76 9.86 -13.10
C SER C 146 -1.70 11.37 -13.16
N LYS C 147 -0.87 11.91 -14.05
CA LYS C 147 -0.69 13.36 -14.11
C LYS C 147 -1.93 14.05 -14.67
N GLU C 148 -2.16 15.27 -14.20
CA GLU C 148 -3.21 16.16 -14.74
C GLU C 148 -4.62 15.71 -14.35
N LYS C 149 -4.71 14.81 -13.36
CA LYS C 149 -6.00 14.39 -12.83
C LYS C 149 -6.05 14.65 -11.32
N SER C 150 -5.68 15.86 -10.93
CA SER C 150 -5.39 16.14 -9.52
C SER C 150 -6.67 16.05 -8.69
N ALA C 151 -7.75 16.64 -9.19
CA ALA C 151 -9.02 16.62 -8.48
C ALA C 151 -9.59 15.19 -8.41
N TYR C 152 -9.51 14.47 -9.52
CA TYR C 152 -10.05 13.12 -9.61
C TYR C 152 -9.34 12.12 -8.68
N VAL C 153 -8.01 12.16 -8.69
CA VAL C 153 -7.20 11.30 -7.85
C VAL C 153 -7.40 11.61 -6.36
N ALA C 154 -7.47 12.90 -6.03
CA ALA C 154 -7.65 13.33 -4.66
C ALA C 154 -9.00 12.83 -4.13
N ALA C 155 -10.03 12.93 -4.95
CA ALA C 155 -11.37 12.49 -4.58
C ALA C 155 -11.43 10.98 -4.37
N LYS C 156 -10.83 10.23 -5.29
CA LYS C 156 -10.91 8.77 -5.27
C LYS C 156 -10.08 8.20 -4.12
N HIS C 157 -8.87 8.73 -3.94
CA HIS C 157 -8.08 8.44 -2.76
C HIS C 157 -8.94 8.69 -1.53
N GLY C 158 -9.67 9.80 -1.56
CA GLY C 158 -10.52 10.21 -0.48
C GLY C 158 -11.57 9.15 -0.24
N VAL C 159 -12.22 8.70 -1.32
CA VAL C 159 -13.25 7.68 -1.22
C VAL C 159 -12.69 6.40 -0.59
N VAL C 160 -11.45 6.04 -0.94
CA VAL C 160 -10.84 4.85 -0.35
C VAL C 160 -10.67 5.02 1.17
N GLY C 161 -10.07 6.14 1.57
CA GLY C 161 -9.97 6.45 2.98
C GLY C 161 -11.32 6.44 3.69
N LEU C 162 -12.30 7.08 3.08
CA LEU C 162 -13.65 7.17 3.62
C LEU C 162 -14.25 5.78 3.82
N THR C 163 -14.01 4.89 2.87
CA THR C 163 -14.53 3.52 2.92
C THR C 163 -13.98 2.73 4.10
N LYS C 164 -12.67 2.88 4.32
CA LYS C 164 -11.99 2.23 5.43
C LYS C 164 -12.56 2.68 6.76
N THR C 165 -12.87 3.96 6.87
CA THR C 165 -13.40 4.53 8.10
C THR C 165 -14.76 3.94 8.41
N ILE C 166 -15.62 3.90 7.39
CA ILE C 166 -16.99 3.45 7.58
C ILE C 166 -17.04 1.97 7.95
N ALA C 167 -16.18 1.18 7.31
CA ALA C 167 -16.08 -0.23 7.66
C ALA C 167 -15.73 -0.43 9.14
N LEU C 168 -14.89 0.46 9.66
CA LEU C 168 -14.44 0.32 11.04
C LEU C 168 -15.56 0.69 12.00
N GLU C 169 -16.39 1.65 11.60
CA GLU C 169 -17.52 2.07 12.42
C GLU C 169 -18.63 1.02 12.42
N THR C 170 -18.58 0.08 11.48
CA THR C 170 -19.59 -0.96 11.33
C THR C 170 -19.01 -2.38 11.41
N ALA C 171 -17.75 -2.49 11.80
CA ALA C 171 -17.04 -3.77 11.83
C ALA C 171 -17.82 -4.89 12.56
N GLN C 172 -18.42 -4.54 13.70
CA GLN C 172 -19.14 -5.52 14.51
C GLN C 172 -20.62 -5.57 14.20
N THR C 173 -21.00 -5.31 12.96
CA THR C 173 -22.38 -5.49 12.53
C THR C 173 -22.38 -6.38 11.30
N GLU C 174 -23.56 -6.63 10.74
CA GLU C 174 -23.64 -7.34 9.47
C GLU C 174 -23.69 -6.37 8.30
N ILE C 175 -23.19 -5.16 8.53
CA ILE C 175 -23.05 -4.15 7.49
C ILE C 175 -21.59 -4.05 7.08
N THR C 176 -21.30 -4.24 5.79
CA THR C 176 -19.95 -4.04 5.29
C THR C 176 -19.84 -2.79 4.41
N CYS C 177 -18.64 -2.23 4.35
CA CYS C 177 -18.33 -1.11 3.48
C CYS C 177 -17.02 -1.41 2.77
N ASN C 178 -17.07 -1.47 1.44
CA ASN C 178 -15.91 -1.80 0.63
C ASN C 178 -15.82 -0.92 -0.63
N ALA C 179 -14.63 -0.84 -1.20
CA ALA C 179 -14.42 -0.10 -2.43
C ALA C 179 -13.93 -1.03 -3.51
N LEU C 180 -14.47 -0.85 -4.71
CA LEU C 180 -13.93 -1.47 -5.89
C LEU C 180 -13.11 -0.44 -6.69
N CYS C 181 -11.95 -0.85 -7.19
CA CYS C 181 -11.08 0.04 -7.94
C CYS C 181 -10.77 -0.53 -9.33
N PRO C 182 -11.62 -0.21 -10.32
CA PRO C 182 -11.37 -0.68 -11.70
C PRO C 182 -10.30 0.10 -12.46
N GLY C 183 -9.64 -0.59 -13.39
CA GLY C 183 -8.80 0.05 -14.40
C GLY C 183 -9.70 0.58 -15.50
N TRP C 184 -9.21 0.61 -16.73
CA TRP C 184 -10.03 1.06 -17.86
C TRP C 184 -11.21 0.15 -18.08
N VAL C 185 -12.39 0.73 -18.10
CA VAL C 185 -13.62 -0.02 -18.32
C VAL C 185 -14.27 0.33 -19.66
N LEU C 186 -14.62 -0.70 -20.43
CA LEU C 186 -15.31 -0.47 -21.70
C LEU C 186 -16.74 0.04 -21.48
N THR C 187 -16.85 1.36 -21.41
CA THR C 187 -18.13 2.06 -21.38
C THR C 187 -18.52 2.43 -22.80
N PRO C 188 -19.75 2.92 -23.03
CA PRO C 188 -20.04 3.43 -24.38
C PRO C 188 -19.14 4.62 -24.72
N LEU C 189 -18.79 5.39 -23.69
CA LEU C 189 -17.90 6.51 -23.85
C LEU C 189 -16.57 6.07 -24.48
N VAL C 190 -16.14 4.87 -24.12
CA VAL C 190 -14.86 4.34 -24.56
C VAL C 190 -15.01 3.60 -25.90
N GLN C 191 -16.18 2.97 -26.10
CA GLN C 191 -16.47 2.35 -27.39
C GLN C 191 -16.43 3.38 -28.50
N GLN C 192 -16.76 4.62 -28.16
CA GLN C 192 -16.75 5.71 -29.13
C GLN C 192 -15.34 6.21 -29.42
N GLN C 193 -14.44 6.10 -28.44
CA GLN C 193 -13.05 6.44 -28.69
C GLN C 193 -12.52 5.43 -29.70
N ILE C 194 -12.87 4.17 -29.47
CA ILE C 194 -12.41 3.07 -30.31
C ILE C 194 -13.00 3.11 -31.73
N ASP C 195 -14.31 3.31 -31.84
CA ASP C 195 -14.97 3.35 -33.15
C ASP C 195 -14.36 4.46 -34.01
N LYS C 196 -14.18 5.64 -33.42
CA LYS C 196 -13.69 6.79 -34.16
C LYS C 196 -12.26 6.57 -34.66
N ARG C 197 -11.45 5.90 -33.85
CA ARG C 197 -10.14 5.44 -34.31
C ARG C 197 -10.25 4.45 -35.48
N ILE C 198 -11.14 3.46 -35.33
CA ILE C 198 -11.33 2.45 -36.36
C ILE C 198 -11.80 3.11 -37.67
N ALA C 199 -12.63 4.14 -37.52
CA ALA C 199 -13.18 4.87 -38.67
C ALA C 199 -12.09 5.63 -39.43
N GLU C 200 -10.92 5.77 -38.81
CA GLU C 200 -9.78 6.48 -39.41
C GLU C 200 -8.70 5.52 -39.91
N GLY C 201 -9.06 4.25 -40.08
CA GLY C 201 -8.17 3.26 -40.64
C GLY C 201 -7.47 2.35 -39.65
N ALA C 202 -7.63 2.62 -38.36
CA ALA C 202 -6.95 1.81 -37.35
C ALA C 202 -7.55 0.41 -37.29
N GLU C 203 -6.69 -0.59 -37.13
CA GLU C 203 -7.16 -1.93 -36.81
C GLU C 203 -7.79 -1.89 -35.43
N PRO C 204 -8.85 -2.68 -35.22
CA PRO C 204 -9.57 -2.74 -33.94
C PRO C 204 -8.64 -2.98 -32.75
N GLU C 205 -7.96 -4.12 -32.74
CA GLU C 205 -6.96 -4.43 -31.72
C GLU C 205 -5.94 -3.31 -31.58
N ALA C 206 -5.59 -2.69 -32.70
CA ALA C 206 -4.62 -1.60 -32.68
C ALA C 206 -5.16 -0.38 -31.92
N ALA C 207 -6.43 -0.05 -32.14
CA ALA C 207 -7.04 1.07 -31.43
C ALA C 207 -7.15 0.75 -29.94
N ARG C 208 -7.41 -0.52 -29.63
CA ARG C 208 -7.50 -1.00 -28.26
C ARG C 208 -6.16 -0.85 -27.54
N ASP C 209 -5.08 -1.29 -28.18
CA ASP C 209 -3.74 -1.16 -27.61
C ASP C 209 -3.34 0.29 -27.47
N ALA C 210 -3.86 1.14 -28.34
CA ALA C 210 -3.58 2.56 -28.25
C ALA C 210 -3.96 3.09 -26.88
N LEU C 211 -5.20 2.84 -26.48
CA LEU C 211 -5.74 3.35 -25.22
C LEU C 211 -5.16 2.69 -23.95
N LEU C 212 -4.71 1.44 -24.09
CA LEU C 212 -4.39 0.61 -22.93
C LEU C 212 -2.90 0.26 -22.73
N ALA C 213 -2.09 0.44 -23.78
CA ALA C 213 -0.70 -0.01 -23.72
C ALA C 213 0.09 0.63 -22.56
N GLU C 214 -0.16 1.90 -22.29
CA GLU C 214 0.59 2.60 -21.26
C GLU C 214 0.27 2.16 -19.81
N LYS C 215 -1.01 1.98 -19.48
CA LYS C 215 -1.38 1.81 -18.07
C LYS C 215 -1.97 0.44 -17.70
N GLN C 216 -2.38 -0.36 -18.69
CA GLN C 216 -3.09 -1.61 -18.42
C GLN C 216 -2.46 -2.83 -19.14
N PRO C 217 -1.57 -3.54 -18.44
CA PRO C 217 -0.76 -4.67 -18.93
C PRO C 217 -1.51 -5.70 -19.78
N SER C 218 -2.68 -6.17 -19.34
CA SER C 218 -3.42 -7.15 -20.14
C SER C 218 -3.86 -6.61 -21.50
N ARG C 219 -3.92 -5.28 -21.63
CA ARG C 219 -4.42 -4.62 -22.84
C ARG C 219 -5.84 -5.05 -23.20
N GLU C 220 -6.57 -5.61 -22.24
CA GLU C 220 -8.00 -5.85 -22.41
C GLU C 220 -8.77 -4.98 -21.42
N PHE C 221 -9.90 -4.44 -21.86
CA PHE C 221 -10.73 -3.64 -21.00
C PHE C 221 -11.42 -4.49 -19.93
N VAL C 222 -11.77 -3.82 -18.82
CA VAL C 222 -12.68 -4.36 -17.83
C VAL C 222 -14.11 -4.04 -18.32
N THR C 223 -15.06 -4.92 -18.05
CA THR C 223 -16.43 -4.63 -18.48
C THR C 223 -17.33 -4.24 -17.30
N PRO C 224 -18.37 -3.46 -17.56
CA PRO C 224 -19.38 -3.20 -16.52
C PRO C 224 -19.93 -4.49 -15.92
N GLU C 225 -20.12 -5.52 -16.76
CA GLU C 225 -20.65 -6.80 -16.28
C GLU C 225 -19.77 -7.47 -15.25
N GLN C 226 -18.46 -7.54 -15.53
CA GLN C 226 -17.50 -8.11 -14.61
C GLN C 226 -17.54 -7.37 -13.27
N LEU C 227 -17.68 -6.05 -13.35
CA LEU C 227 -17.78 -5.22 -12.16
C LEU C 227 -19.08 -5.47 -11.41
N GLY C 228 -20.15 -5.72 -12.15
CA GLY C 228 -21.41 -6.09 -11.55
C GLY C 228 -21.26 -7.40 -10.80
N ASN C 229 -20.57 -8.35 -11.42
CA ASN C 229 -20.41 -9.66 -10.79
C ASN C 229 -19.57 -9.60 -9.52
N LEU C 230 -18.58 -8.70 -9.48
CA LEU C 230 -17.76 -8.56 -8.28
C LEU C 230 -18.55 -7.86 -7.17
N ALA C 231 -19.35 -6.86 -7.58
CA ALA C 231 -20.26 -6.18 -6.67
C ALA C 231 -21.31 -7.14 -6.11
N LEU C 232 -21.84 -8.02 -6.96
CA LEU C 232 -22.80 -9.02 -6.51
C LEU C 232 -22.15 -9.98 -5.51
N PHE C 233 -20.90 -10.38 -5.75
CA PHE C 233 -20.21 -11.24 -4.78
C PHE C 233 -20.05 -10.56 -3.42
N LEU C 234 -19.81 -9.25 -3.44
CA LEU C 234 -19.66 -8.50 -2.19
C LEU C 234 -20.98 -8.50 -1.43
N CYS C 235 -22.08 -8.66 -2.17
CA CYS C 235 -23.41 -8.70 -1.58
C CYS C 235 -23.75 -10.06 -0.99
N SER C 236 -23.00 -11.08 -1.38
CA SER C 236 -23.27 -12.45 -0.95
C SER C 236 -22.88 -12.65 0.50
N ASP C 237 -23.33 -13.76 1.07
CA ASP C 237 -22.96 -14.16 2.42
C ASP C 237 -21.48 -14.54 2.45
N GLY C 238 -20.95 -14.86 1.27
CA GLY C 238 -19.54 -15.19 1.11
C GLY C 238 -18.64 -14.04 1.49
N ALA C 239 -19.19 -12.82 1.51
CA ALA C 239 -18.41 -11.61 1.77
C ALA C 239 -18.69 -10.96 3.13
N ALA C 240 -19.22 -11.74 4.07
CA ALA C 240 -19.55 -11.22 5.40
C ALA C 240 -18.35 -10.55 6.08
N GLN C 241 -17.15 -11.10 5.89
CA GLN C 241 -15.99 -10.55 6.57
C GLN C 241 -15.04 -9.75 5.65
N VAL C 242 -15.49 -9.45 4.43
CA VAL C 242 -14.80 -8.49 3.57
C VAL C 242 -15.20 -7.07 4.00
N ARG C 243 -14.29 -6.36 4.64
CA ARG C 243 -14.57 -5.05 5.21
C ARG C 243 -13.46 -4.01 4.99
N GLY C 244 -13.82 -2.83 4.51
CA GLY C 244 -12.85 -1.75 4.28
C GLY C 244 -11.75 -2.10 3.29
N VAL C 245 -12.10 -2.88 2.27
CA VAL C 245 -11.07 -3.25 1.30
C VAL C 245 -11.08 -2.28 0.12
N ALA C 246 -9.99 -2.28 -0.63
CA ALA C 246 -9.93 -1.55 -1.89
C ALA C 246 -9.41 -2.53 -2.93
N TRP C 247 -10.35 -3.23 -3.58
CA TRP C 247 -10.05 -4.31 -4.49
C TRP C 247 -9.86 -3.82 -5.93
N ASN C 248 -8.64 -3.92 -6.44
CA ASN C 248 -8.41 -3.50 -7.81
C ASN C 248 -8.77 -4.60 -8.81
N MET C 249 -9.57 -4.24 -9.80
CA MET C 249 -9.83 -5.08 -10.97
C MET C 249 -9.35 -4.27 -12.19
N ASP C 250 -8.13 -4.54 -12.64
CA ASP C 250 -7.44 -3.51 -13.39
C ASP C 250 -6.46 -3.98 -14.48
N GLY C 251 -6.55 -5.25 -14.87
CA GLY C 251 -5.67 -5.80 -15.89
C GLY C 251 -4.20 -5.72 -15.49
N GLY C 252 -3.93 -5.54 -14.18
CA GLY C 252 -2.56 -5.55 -13.71
C GLY C 252 -1.97 -4.17 -13.48
N TRP C 253 -2.80 -3.15 -13.60
CA TRP C 253 -2.37 -1.75 -13.50
C TRP C 253 -1.58 -1.47 -12.21
N VAL C 254 -2.22 -1.61 -11.06
CA VAL C 254 -1.54 -1.28 -9.79
C VAL C 254 -0.35 -2.21 -9.54
N ALA C 255 -0.41 -3.43 -10.10
CA ALA C 255 0.68 -4.42 -9.91
C ALA C 255 2.04 -3.93 -10.42
N GLN C 256 2.01 -2.98 -11.36
CA GLN C 256 3.24 -2.28 -11.79
C GLN C 256 3.46 -1.05 -10.91
N ASN D 2 -19.88 -25.94 -14.88
CA ASN D 2 -19.37 -24.61 -14.50
C ASN D 2 -17.84 -24.59 -14.44
N LEU D 3 -17.26 -25.56 -13.73
CA LEU D 3 -15.81 -25.78 -13.74
C LEU D 3 -15.52 -27.18 -14.27
N THR D 4 -16.55 -27.79 -14.84
CA THR D 4 -16.46 -29.15 -15.37
C THR D 4 -15.42 -29.20 -16.49
N GLY D 5 -14.59 -30.24 -16.48
CA GLY D 5 -13.50 -30.34 -17.43
C GLY D 5 -12.25 -29.57 -17.03
N LYS D 6 -12.24 -28.95 -15.84
CA LYS D 6 -11.07 -28.24 -15.31
C LYS D 6 -10.42 -29.04 -14.17
N THR D 7 -9.10 -29.18 -14.21
CA THR D 7 -8.42 -29.85 -13.10
C THR D 7 -7.85 -28.83 -12.13
N ALA D 8 -8.26 -28.93 -10.86
CA ALA D 8 -7.77 -28.03 -9.83
C ALA D 8 -6.84 -28.75 -8.87
N LEU D 9 -5.64 -28.20 -8.71
CA LEU D 9 -4.71 -28.68 -7.70
C LEU D 9 -4.73 -27.73 -6.50
N VAL D 10 -5.10 -28.24 -5.33
CA VAL D 10 -5.07 -27.42 -4.12
C VAL D 10 -4.04 -27.96 -3.15
N THR D 11 -2.97 -27.19 -2.98
CA THR D 11 -1.84 -27.62 -2.20
C THR D 11 -2.14 -27.52 -0.70
N GLY D 12 -1.71 -28.50 0.07
CA GLY D 12 -2.08 -28.60 1.47
C GLY D 12 -3.59 -28.60 1.69
N SER D 13 -4.30 -29.48 1.00
CA SER D 13 -5.76 -29.52 1.09
C SER D 13 -6.34 -30.69 1.88
N THR D 14 -5.53 -31.32 2.72
CA THR D 14 -6.01 -32.42 3.56
C THR D 14 -6.57 -31.89 4.88
N SER D 15 -6.47 -30.57 5.06
CA SER D 15 -6.99 -29.90 6.24
C SER D 15 -7.40 -28.46 5.93
N GLY D 16 -8.08 -27.85 6.89
CA GLY D 16 -8.38 -26.42 6.90
C GLY D 16 -8.84 -25.68 5.65
N ILE D 17 -8.16 -24.56 5.39
CA ILE D 17 -8.52 -23.66 4.29
C ILE D 17 -8.50 -24.37 2.95
N GLY D 18 -7.44 -25.13 2.69
CA GLY D 18 -7.30 -25.84 1.44
C GLY D 18 -8.39 -26.87 1.19
N LEU D 19 -8.79 -27.57 2.25
CA LEU D 19 -9.88 -28.54 2.14
C LEU D 19 -11.20 -27.82 1.89
N GLY D 20 -11.41 -26.71 2.58
CA GLY D 20 -12.54 -25.84 2.31
C GLY D 20 -12.61 -25.43 0.85
N ILE D 21 -11.54 -24.81 0.35
CA ILE D 21 -11.48 -24.40 -1.05
C ILE D 21 -11.68 -25.57 -2.00
N ALA D 22 -11.06 -26.70 -1.69
CA ALA D 22 -11.16 -27.91 -2.52
C ALA D 22 -12.62 -28.38 -2.67
N GLN D 23 -13.34 -28.40 -1.55
CA GLN D 23 -14.73 -28.85 -1.56
C GLN D 23 -15.57 -27.93 -2.42
N VAL D 24 -15.29 -26.63 -2.35
CA VAL D 24 -16.08 -25.66 -3.11
C VAL D 24 -15.85 -25.84 -4.61
N LEU D 25 -14.59 -26.03 -5.03
CA LEU D 25 -14.29 -26.23 -6.45
C LEU D 25 -14.93 -27.54 -6.94
N ALA D 26 -14.93 -28.55 -6.08
CA ALA D 26 -15.57 -29.83 -6.38
C ALA D 26 -17.06 -29.63 -6.66
N GLN D 27 -17.71 -28.91 -5.77
CA GLN D 27 -19.11 -28.54 -5.95
C GLN D 27 -19.36 -27.86 -7.29
N ALA D 28 -18.40 -27.08 -7.77
CA ALA D 28 -18.58 -26.30 -8.98
C ALA D 28 -18.31 -27.13 -10.24
N GLY D 29 -17.82 -28.35 -10.06
CA GLY D 29 -17.69 -29.28 -11.17
C GLY D 29 -16.28 -29.69 -11.55
N ALA D 30 -15.30 -29.18 -10.81
CA ALA D 30 -13.90 -29.38 -11.19
C ALA D 30 -13.35 -30.70 -10.65
N THR D 31 -12.38 -31.24 -11.36
CA THR D 31 -11.62 -32.39 -10.89
C THR D 31 -10.50 -31.94 -9.94
N LEU D 32 -10.51 -32.46 -8.72
CA LEU D 32 -9.54 -32.02 -7.73
C LEU D 32 -8.39 -32.99 -7.49
N ILE D 33 -7.20 -32.43 -7.29
CA ILE D 33 -6.06 -33.20 -6.79
C ILE D 33 -5.67 -32.67 -5.41
N LEU D 34 -5.71 -33.54 -4.40
CA LEU D 34 -5.45 -33.14 -3.03
C LEU D 34 -3.98 -33.34 -2.68
N ASN D 35 -3.55 -32.65 -1.63
CA ASN D 35 -2.16 -32.68 -1.21
C ASN D 35 -2.07 -32.32 0.28
N GLY D 36 -1.04 -32.81 0.96
CA GLY D 36 -0.94 -32.60 2.39
C GLY D 36 -0.96 -33.91 3.18
N PHE D 37 -0.72 -33.81 4.49
CA PHE D 37 -0.65 -34.98 5.35
C PHE D 37 -1.79 -35.06 6.37
N GLY D 38 -1.77 -36.09 7.20
CA GLY D 38 -2.80 -36.30 8.20
C GLY D 38 -3.88 -37.26 7.74
N ASP D 39 -5.12 -36.98 8.12
CA ASP D 39 -6.24 -37.87 7.78
C ASP D 39 -6.62 -37.71 6.31
N VAL D 40 -6.00 -38.52 5.47
CA VAL D 40 -6.06 -38.36 4.02
C VAL D 40 -7.33 -38.89 3.34
N ASP D 41 -7.81 -40.07 3.71
CA ASP D 41 -9.02 -40.60 3.07
C ASP D 41 -10.25 -39.85 3.57
N ALA D 42 -10.18 -39.30 4.78
CA ALA D 42 -11.22 -38.39 5.23
C ALA D 42 -11.27 -37.17 4.29
N ALA D 43 -10.10 -36.64 3.97
CA ALA D 43 -10.02 -35.48 3.09
C ALA D 43 -10.55 -35.83 1.70
N LYS D 44 -10.07 -36.92 1.12
CA LYS D 44 -10.59 -37.38 -0.18
C LYS D 44 -12.11 -37.54 -0.18
N ASP D 45 -12.63 -38.23 0.82
CA ASP D 45 -14.07 -38.51 0.90
C ASP D 45 -14.90 -37.23 1.02
N ALA D 46 -14.45 -36.31 1.88
CA ALA D 46 -15.16 -35.06 2.10
C ALA D 46 -15.28 -34.25 0.81
N VAL D 47 -14.37 -34.48 -0.13
CA VAL D 47 -14.43 -33.84 -1.43
C VAL D 47 -15.24 -34.72 -2.38
N ALA D 48 -15.05 -36.02 -2.25
CA ALA D 48 -15.77 -37.00 -3.07
C ALA D 48 -17.27 -36.82 -2.98
N GLN D 49 -17.76 -36.46 -1.81
CA GLN D 49 -19.19 -36.27 -1.60
C GLN D 49 -19.79 -35.18 -2.49
N TYR D 50 -18.94 -34.35 -3.10
CA TYR D 50 -19.39 -33.23 -3.92
C TYR D 50 -19.23 -33.46 -5.41
N GLY D 51 -18.89 -34.67 -5.83
CA GLY D 51 -18.79 -34.93 -7.26
C GLY D 51 -17.85 -36.05 -7.65
N LYS D 52 -16.79 -35.70 -8.37
CA LYS D 52 -15.77 -36.68 -8.75
C LYS D 52 -14.85 -37.00 -7.58
N THR D 53 -14.44 -38.25 -7.47
CA THR D 53 -13.45 -38.64 -6.48
C THR D 53 -12.11 -38.04 -6.89
N PRO D 54 -11.45 -37.34 -5.93
CA PRO D 54 -10.23 -36.58 -6.20
C PRO D 54 -8.98 -37.44 -6.30
N GLY D 55 -7.94 -36.90 -6.92
CA GLY D 55 -6.65 -37.55 -6.98
C GLY D 55 -5.86 -37.07 -5.78
N TYR D 56 -4.69 -37.65 -5.56
CA TYR D 56 -3.88 -37.27 -4.41
C TYR D 56 -2.40 -37.55 -4.64
N HIS D 57 -1.58 -36.59 -4.23
CA HIS D 57 -0.14 -36.75 -4.22
C HIS D 57 0.38 -36.22 -2.89
N GLY D 58 1.26 -36.98 -2.25
CA GLY D 58 1.72 -36.62 -0.93
C GLY D 58 3.05 -35.90 -0.91
N ALA D 59 3.23 -34.98 -1.85
CA ALA D 59 4.51 -34.26 -1.95
C ALA D 59 4.74 -33.42 -0.71
N ASP D 60 5.88 -33.64 -0.07
CA ASP D 60 6.40 -32.73 0.93
C ASP D 60 6.91 -31.47 0.21
N LEU D 61 6.18 -30.37 0.39
CA LEU D 61 6.46 -29.14 -0.36
C LEU D 61 7.81 -28.49 -0.03
N SER D 62 8.43 -28.90 1.06
CA SER D 62 9.76 -28.37 1.42
C SER D 62 10.84 -28.98 0.54
N ASP D 63 10.46 -29.88 -0.35
CA ASP D 63 11.41 -30.61 -1.18
C ASP D 63 11.08 -30.41 -2.66
N GLU D 64 12.02 -29.77 -3.35
CA GLU D 64 11.83 -29.41 -4.76
C GLU D 64 11.60 -30.65 -5.61
N ALA D 65 12.29 -31.74 -5.28
CA ALA D 65 12.16 -33.00 -6.02
C ALA D 65 10.74 -33.57 -5.96
N GLN D 66 10.14 -33.57 -4.77
CA GLN D 66 8.81 -34.14 -4.61
C GLN D 66 7.75 -33.31 -5.32
N ILE D 67 8.00 -32.02 -5.50
CA ILE D 67 7.04 -31.17 -6.19
C ILE D 67 7.04 -31.48 -7.67
N ALA D 68 8.23 -31.62 -8.25
CA ALA D 68 8.38 -32.00 -9.64
C ALA D 68 7.65 -33.33 -9.90
N ASP D 69 7.89 -34.31 -9.05
CA ASP D 69 7.20 -35.60 -9.13
C ASP D 69 5.70 -35.41 -9.15
N MET D 70 5.21 -34.63 -8.18
CA MET D 70 3.79 -34.32 -8.04
C MET D 70 3.20 -33.64 -9.29
N MET D 71 3.94 -32.74 -9.92
CA MET D 71 3.39 -32.04 -11.07
C MET D 71 3.28 -32.99 -12.27
N ARG D 72 4.29 -33.84 -12.47
CA ARG D 72 4.24 -34.86 -13.52
C ARG D 72 3.03 -35.75 -13.34
N TYR D 73 2.80 -36.19 -12.09
CA TYR D 73 1.61 -36.96 -11.74
C TYR D 73 0.34 -36.24 -12.20
N ALA D 74 0.24 -34.96 -11.86
CA ALA D 74 -0.87 -34.11 -12.28
C ALA D 74 -1.03 -34.14 -13.80
N GLU D 75 0.10 -34.07 -14.50
CA GLU D 75 0.09 -34.03 -15.96
C GLU D 75 -0.20 -35.41 -16.54
N SER D 76 0.52 -36.42 -16.04
CA SER D 76 0.38 -37.79 -16.52
C SER D 76 -0.99 -38.42 -16.28
N GLU D 77 -1.65 -38.03 -15.19
CA GLU D 77 -2.88 -38.69 -14.79
C GLU D 77 -4.13 -37.84 -15.02
N PHE D 78 -3.96 -36.53 -15.18
CA PHE D 78 -5.09 -35.64 -15.34
C PHE D 78 -4.94 -34.70 -16.53
N GLY D 79 -3.81 -34.79 -17.22
CA GLY D 79 -3.57 -33.97 -18.39
C GLY D 79 -3.20 -32.53 -18.12
N GLY D 80 -2.73 -32.25 -16.89
CA GLY D 80 -2.22 -30.93 -16.54
C GLY D 80 -3.17 -30.06 -15.74
N VAL D 81 -2.60 -29.26 -14.83
CA VAL D 81 -3.37 -28.37 -13.96
C VAL D 81 -3.96 -27.17 -14.70
N ASP D 82 -5.24 -26.90 -14.47
CA ASP D 82 -5.88 -25.70 -15.01
C ASP D 82 -6.02 -24.62 -13.94
N ILE D 83 -6.25 -25.08 -12.71
CA ILE D 83 -6.41 -24.20 -11.57
C ILE D 83 -5.42 -24.62 -10.51
N LEU D 84 -4.49 -23.73 -10.19
CA LEU D 84 -3.47 -24.04 -9.20
C LEU D 84 -3.68 -23.19 -7.96
N ILE D 85 -4.11 -23.82 -6.86
CA ILE D 85 -4.25 -23.16 -5.57
C ILE D 85 -3.08 -23.47 -4.66
N ASN D 86 -2.15 -22.52 -4.53
CA ASN D 86 -1.04 -22.64 -3.59
C ASN D 86 -1.49 -22.22 -2.18
N ASN D 87 -1.76 -23.20 -1.32
CA ASN D 87 -2.35 -22.89 -0.04
C ASN D 87 -1.51 -23.32 1.14
N ALA D 88 -0.73 -24.39 0.98
CA ALA D 88 -0.04 -24.95 2.14
C ALA D 88 0.93 -23.95 2.80
N GLY D 89 1.23 -24.19 4.06
CA GLY D 89 2.01 -23.27 4.83
C GLY D 89 2.11 -23.69 6.29
N ILE D 90 3.15 -23.18 6.96
CA ILE D 90 3.41 -23.51 8.35
C ILE D 90 3.85 -22.26 9.11
N GLN D 91 3.80 -22.34 10.42
CA GLN D 91 4.02 -21.19 11.27
C GLN D 91 5.06 -21.49 12.33
N HIS D 92 5.78 -20.45 12.75
CA HIS D 92 6.60 -20.55 13.94
C HIS D 92 6.71 -19.20 14.58
N VAL D 93 6.16 -19.07 15.78
CA VAL D 93 6.19 -17.82 16.50
C VAL D 93 7.40 -17.78 17.42
N SER D 94 8.25 -16.77 17.22
CA SER D 94 9.44 -16.61 18.05
C SER D 94 10.04 -15.23 17.88
N PRO D 95 10.66 -14.70 18.95
CA PRO D 95 11.54 -13.54 18.73
C PRO D 95 12.61 -13.88 17.69
N ILE D 96 13.11 -12.90 16.96
CA ILE D 96 14.01 -13.22 15.86
C ILE D 96 15.37 -13.76 16.35
N GLU D 97 15.95 -13.16 17.39
CA GLU D 97 17.27 -13.59 17.86
C GLU D 97 17.29 -15.04 18.41
N THR D 98 16.11 -15.62 18.67
CA THR D 98 16.02 -17.01 19.10
C THR D 98 15.08 -17.80 18.18
N PHE D 99 14.81 -17.24 17.03
CA PHE D 99 14.15 -17.95 15.94
C PHE D 99 15.12 -18.99 15.38
N PRO D 100 14.69 -20.27 15.35
CA PRO D 100 15.54 -21.34 14.84
C PRO D 100 15.75 -21.22 13.33
N VAL D 101 16.98 -21.46 12.89
CA VAL D 101 17.34 -21.37 11.49
C VAL D 101 16.64 -22.45 10.68
N ASP D 102 16.47 -23.63 11.26
CA ASP D 102 15.75 -24.71 10.57
C ASP D 102 14.35 -24.24 10.26
N LYS D 103 13.72 -23.60 11.23
CA LYS D 103 12.35 -23.15 11.07
C LYS D 103 12.27 -22.06 9.99
N TRP D 104 13.30 -21.21 9.93
CA TRP D 104 13.35 -20.17 8.92
C TRP D 104 13.41 -20.81 7.54
N ASN D 105 14.29 -21.79 7.37
CA ASN D 105 14.47 -22.44 6.08
C ASN D 105 13.24 -23.18 5.61
N ALA D 106 12.51 -23.80 6.54
CA ALA D 106 11.32 -24.58 6.17
C ALA D 106 10.14 -23.68 5.84
N ILE D 107 9.93 -22.63 6.64
CA ILE D 107 8.87 -21.68 6.35
C ILE D 107 9.08 -21.02 4.98
N ILE D 108 10.31 -20.59 4.67
CA ILE D 108 10.60 -20.07 3.34
C ILE D 108 10.33 -21.13 2.26
N ALA D 109 10.86 -22.33 2.47
CA ALA D 109 10.74 -23.40 1.49
C ALA D 109 9.27 -23.68 1.17
N ILE D 110 8.46 -23.83 2.21
CA ILE D 110 7.07 -24.24 2.04
C ILE D 110 6.15 -23.08 1.68
N ASN D 111 6.28 -21.96 2.40
CA ASN D 111 5.34 -20.86 2.22
C ASN D 111 5.69 -19.95 1.04
N LEU D 112 6.96 -19.91 0.64
CA LEU D 112 7.35 -19.09 -0.50
C LEU D 112 7.80 -19.93 -1.70
N SER D 113 8.85 -20.72 -1.52
CA SER D 113 9.49 -21.37 -2.67
C SER D 113 8.61 -22.42 -3.38
N SER D 114 7.69 -23.04 -2.66
CA SER D 114 6.80 -24.03 -3.25
C SER D 114 5.89 -23.40 -4.29
N VAL D 115 5.52 -22.14 -4.06
CA VAL D 115 4.70 -21.39 -5.02
C VAL D 115 5.48 -21.13 -6.31
N PHE D 116 6.77 -20.86 -6.18
CA PHE D 116 7.64 -20.73 -7.33
C PHE D 116 7.69 -22.05 -8.09
N HIS D 117 7.87 -23.15 -7.38
CA HIS D 117 8.05 -24.44 -8.02
C HIS D 117 6.78 -24.97 -8.70
N THR D 118 5.63 -24.88 -8.05
CA THR D 118 4.39 -25.30 -8.72
C THR D 118 4.08 -24.42 -9.92
N THR D 119 4.11 -23.10 -9.73
CA THR D 119 3.81 -22.15 -10.80
C THR D 119 4.77 -22.33 -11.99
N ARG D 120 6.05 -22.55 -11.67
CA ARG D 120 7.07 -22.92 -12.65
C ARG D 120 6.62 -24.06 -13.58
N LEU D 121 6.12 -25.14 -12.98
CA LEU D 121 5.86 -26.38 -13.70
C LEU D 121 4.46 -26.51 -14.31
N ALA D 122 3.53 -25.66 -13.90
CA ALA D 122 2.16 -25.76 -14.40
C ALA D 122 1.92 -24.75 -15.49
N LEU D 123 2.74 -23.70 -15.51
CA LEU D 123 2.51 -22.62 -16.44
C LEU D 123 2.66 -23.02 -17.93
N PRO D 124 3.66 -23.85 -18.28
CA PRO D 124 3.79 -24.21 -19.70
C PRO D 124 2.50 -24.81 -20.25
N GLY D 125 1.98 -25.85 -19.59
CA GLY D 125 0.70 -26.43 -19.94
C GLY D 125 -0.44 -25.41 -19.97
N MET D 126 -0.44 -24.48 -19.02
CA MET D 126 -1.48 -23.45 -19.04
C MET D 126 -1.38 -22.55 -20.26
N ARG D 127 -0.15 -22.28 -20.70
CA ARG D 127 0.08 -21.43 -21.88
C ARG D 127 -0.34 -22.12 -23.18
N ALA D 128 -0.06 -23.41 -23.29
CA ALA D 128 -0.50 -24.24 -24.43
C ALA D 128 -2.01 -24.21 -24.62
N ARG D 129 -2.75 -24.34 -23.52
CA ARG D 129 -4.20 -24.33 -23.56
C ARG D 129 -4.73 -22.91 -23.56
N ASN D 130 -3.83 -21.96 -23.39
CA ASN D 130 -4.19 -20.56 -23.13
C ASN D 130 -5.34 -20.37 -22.14
N TRP D 131 -5.24 -20.98 -20.97
CA TRP D 131 -6.21 -20.73 -19.92
C TRP D 131 -5.62 -21.20 -18.61
N GLY D 132 -5.86 -20.47 -17.55
CA GLY D 132 -5.32 -20.87 -16.28
C GLY D 132 -5.68 -19.94 -15.15
N ARG D 133 -5.68 -20.51 -13.95
CA ARG D 133 -5.91 -19.78 -12.72
C ARG D 133 -4.87 -20.21 -11.71
N ILE D 134 -4.06 -19.26 -11.27
CA ILE D 134 -3.10 -19.49 -10.22
C ILE D 134 -3.53 -18.63 -9.04
N ILE D 135 -3.90 -19.28 -7.94
CA ILE D 135 -4.39 -18.57 -6.76
C ILE D 135 -3.51 -18.94 -5.57
N ASN D 136 -2.87 -17.93 -4.99
CA ASN D 136 -1.95 -18.14 -3.88
C ASN D 136 -2.59 -17.61 -2.60
N ILE D 137 -2.73 -18.48 -1.61
CA ILE D 137 -3.29 -18.10 -0.33
C ILE D 137 -2.21 -17.46 0.51
N ALA D 138 -2.19 -16.13 0.56
CA ALA D 138 -1.18 -15.47 1.35
C ALA D 138 -1.72 -15.33 2.78
N SER D 139 -2.01 -14.09 3.16
CA SER D 139 -2.38 -13.74 4.53
C SER D 139 -2.38 -12.22 4.61
N VAL D 140 -3.06 -11.69 5.62
CA VAL D 140 -2.87 -10.29 6.00
C VAL D 140 -1.39 -9.98 6.18
N HIS D 141 -0.62 -11.01 6.54
CA HIS D 141 0.80 -10.83 6.83
C HIS D 141 1.69 -10.76 5.60
N GLY D 142 1.06 -10.75 4.43
CA GLY D 142 1.74 -10.48 3.19
C GLY D 142 1.58 -9.00 2.89
N LEU D 143 0.72 -8.34 3.66
CA LEU D 143 0.52 -6.90 3.52
C LEU D 143 0.98 -6.10 4.75
N VAL D 144 0.84 -6.68 5.95
CA VAL D 144 1.35 -6.03 7.16
C VAL D 144 2.07 -7.05 8.03
N ALA D 145 2.62 -6.63 9.16
CA ALA D 145 3.38 -7.56 10.01
C ALA D 145 2.84 -7.68 11.43
N SER D 146 3.29 -8.72 12.11
CA SER D 146 3.09 -8.89 13.54
C SER D 146 4.43 -9.30 14.13
N LYS D 147 4.66 -8.94 15.39
CA LYS D 147 5.91 -9.28 16.05
C LYS D 147 6.06 -10.80 16.12
N GLU D 148 7.31 -11.27 16.09
CA GLU D 148 7.65 -12.68 16.31
C GLU D 148 7.17 -13.64 15.24
N LYS D 149 6.85 -13.10 14.05
CA LYS D 149 6.48 -13.95 12.93
C LYS D 149 7.36 -13.67 11.70
N SER D 150 8.65 -13.44 11.95
CA SER D 150 9.55 -12.93 10.92
C SER D 150 9.63 -13.82 9.65
N ALA D 151 9.73 -15.12 9.82
CA ALA D 151 9.88 -15.98 8.65
C ALA D 151 8.56 -16.03 7.88
N TYR D 152 7.45 -15.99 8.59
CA TYR D 152 6.13 -16.10 7.98
C TYR D 152 5.72 -14.81 7.26
N VAL D 153 5.94 -13.68 7.92
CA VAL D 153 5.64 -12.40 7.31
C VAL D 153 6.50 -12.18 6.08
N ALA D 154 7.75 -12.61 6.14
CA ALA D 154 8.67 -12.50 5.01
C ALA D 154 8.18 -13.32 3.83
N ALA D 155 7.88 -14.59 4.09
CA ALA D 155 7.51 -15.51 3.04
C ALA D 155 6.22 -15.05 2.37
N LYS D 156 5.28 -14.58 3.19
CA LYS D 156 3.97 -14.18 2.70
C LYS D 156 4.08 -12.88 1.91
N HIS D 157 4.84 -11.92 2.43
CA HIS D 157 5.21 -10.75 1.60
C HIS D 157 5.86 -11.23 0.30
N GLY D 158 6.74 -12.21 0.42
CA GLY D 158 7.40 -12.78 -0.74
C GLY D 158 6.40 -13.34 -1.74
N VAL D 159 5.35 -13.98 -1.22
CA VAL D 159 4.29 -14.53 -2.06
C VAL D 159 3.55 -13.46 -2.84
N VAL D 160 3.21 -12.37 -2.16
CA VAL D 160 2.51 -11.26 -2.82
C VAL D 160 3.33 -10.68 -3.99
N GLY D 161 4.63 -10.47 -3.78
CA GLY D 161 5.48 -9.95 -4.83
C GLY D 161 5.61 -10.93 -5.98
N LEU D 162 5.78 -12.21 -5.64
CA LEU D 162 5.90 -13.27 -6.63
C LEU D 162 4.68 -13.31 -7.56
N THR D 163 3.51 -13.14 -6.95
CA THR D 163 2.21 -13.14 -7.61
C THR D 163 2.03 -11.99 -8.60
N LYS D 164 2.47 -10.80 -8.24
CA LYS D 164 2.32 -9.66 -9.14
C LYS D 164 3.21 -9.85 -10.36
N THR D 165 4.36 -10.48 -10.14
CA THR D 165 5.30 -10.73 -11.21
C THR D 165 4.71 -11.71 -12.22
N ILE D 166 4.29 -12.88 -11.75
CA ILE D 166 3.71 -13.88 -12.65
C ILE D 166 2.47 -13.35 -13.34
N ALA D 167 1.73 -12.47 -12.67
CA ALA D 167 0.58 -11.83 -13.29
C ALA D 167 1.00 -10.99 -14.49
N LEU D 168 2.06 -10.18 -14.32
CA LEU D 168 2.56 -9.34 -15.40
C LEU D 168 3.14 -10.18 -16.54
N GLU D 169 3.68 -11.33 -16.21
CA GLU D 169 4.28 -12.24 -17.18
C GLU D 169 3.19 -12.95 -18.00
N THR D 170 1.98 -13.03 -17.44
CA THR D 170 0.85 -13.65 -18.09
C THR D 170 -0.22 -12.64 -18.48
N ALA D 171 0.08 -11.36 -18.28
CA ALA D 171 -0.92 -10.29 -18.47
C ALA D 171 -1.72 -10.42 -19.78
N GLN D 172 -1.03 -10.71 -20.89
CA GLN D 172 -1.68 -10.69 -22.20
C GLN D 172 -2.22 -12.05 -22.64
N THR D 173 -2.40 -12.95 -21.69
CA THR D 173 -2.99 -14.24 -21.98
C THR D 173 -4.29 -14.41 -21.19
N GLU D 174 -4.94 -15.55 -21.34
CA GLU D 174 -6.15 -15.84 -20.57
C GLU D 174 -5.82 -16.55 -19.25
N ILE D 175 -4.58 -16.40 -18.81
CA ILE D 175 -4.14 -16.93 -17.53
C ILE D 175 -4.01 -15.79 -16.53
N THR D 176 -4.68 -15.91 -15.38
CA THR D 176 -4.52 -14.91 -14.34
C THR D 176 -3.79 -15.50 -13.15
N CYS D 177 -3.13 -14.64 -12.39
CA CYS D 177 -2.43 -15.02 -11.16
C CYS D 177 -2.67 -13.98 -10.05
N ASN D 178 -3.25 -14.42 -8.95
CA ASN D 178 -3.76 -13.54 -7.89
C ASN D 178 -3.47 -14.12 -6.51
N ALA D 179 -3.55 -13.28 -5.48
CA ALA D 179 -3.39 -13.76 -4.11
C ALA D 179 -4.55 -13.36 -3.20
N LEU D 180 -4.98 -14.32 -2.36
CA LEU D 180 -5.96 -14.05 -1.30
C LEU D 180 -5.22 -13.80 0.01
N CYS D 181 -5.65 -12.76 0.73
CA CYS D 181 -5.04 -12.44 2.02
C CYS D 181 -6.06 -12.47 3.17
N PRO D 182 -6.34 -13.67 3.70
CA PRO D 182 -7.29 -13.72 4.82
C PRO D 182 -6.67 -13.30 6.15
N GLY D 183 -7.49 -12.74 7.04
CA GLY D 183 -7.12 -12.58 8.44
C GLY D 183 -7.36 -13.90 9.18
N TRP D 184 -7.81 -13.84 10.43
CA TRP D 184 -8.08 -15.07 11.20
C TRP D 184 -9.17 -15.94 10.56
N VAL D 185 -8.83 -17.18 10.29
CA VAL D 185 -9.79 -18.13 9.77
C VAL D 185 -10.01 -19.26 10.78
N LEU D 186 -11.27 -19.52 11.12
CA LEU D 186 -11.62 -20.61 12.04
C LEU D 186 -11.27 -21.97 11.43
N THR D 187 -10.04 -22.39 11.62
CA THR D 187 -9.55 -23.66 11.11
C THR D 187 -9.42 -24.55 12.34
N PRO D 188 -9.06 -25.83 12.15
CA PRO D 188 -8.78 -26.68 13.31
C PRO D 188 -7.87 -26.02 14.35
N LEU D 189 -6.75 -25.44 13.93
CA LEU D 189 -5.79 -24.85 14.87
C LEU D 189 -6.46 -23.80 15.77
N VAL D 190 -7.23 -22.90 15.15
CA VAL D 190 -7.78 -21.75 15.86
C VAL D 190 -8.92 -22.15 16.81
N GLN D 191 -9.75 -23.12 16.41
CA GLN D 191 -10.83 -23.61 17.28
C GLN D 191 -10.24 -24.24 18.55
N GLN D 192 -9.04 -24.80 18.44
CA GLN D 192 -8.36 -25.36 19.59
C GLN D 192 -8.08 -24.27 20.62
N GLN D 193 -7.52 -23.16 20.15
CA GLN D 193 -7.18 -22.06 21.04
C GLN D 193 -8.41 -21.51 21.74
N ILE D 194 -9.53 -21.49 21.02
CA ILE D 194 -10.80 -21.01 21.57
C ILE D 194 -11.38 -21.91 22.64
N ASP D 195 -11.53 -23.19 22.33
CA ASP D 195 -12.22 -24.13 23.22
C ASP D 195 -11.45 -24.30 24.55
N LYS D 196 -10.14 -24.08 24.50
CA LYS D 196 -9.32 -24.21 25.69
C LYS D 196 -9.04 -22.86 26.34
N ARG D 197 -9.69 -21.82 25.84
CA ARG D 197 -9.86 -20.61 26.64
C ARG D 197 -11.18 -20.76 27.40
N ILE D 198 -12.19 -21.26 26.70
CA ILE D 198 -13.48 -21.57 27.30
C ILE D 198 -13.30 -22.51 28.49
N ALA D 199 -12.39 -23.47 28.36
CA ALA D 199 -12.12 -24.44 29.43
C ALA D 199 -11.55 -23.77 30.69
N GLU D 200 -10.86 -22.64 30.49
CA GLU D 200 -10.29 -21.85 31.59
C GLU D 200 -11.37 -21.12 32.37
N GLY D 201 -12.56 -21.01 31.79
CA GLY D 201 -13.66 -20.30 32.44
C GLY D 201 -14.24 -19.20 31.56
N ALA D 202 -13.54 -18.88 30.48
CA ALA D 202 -13.95 -17.81 29.58
C ALA D 202 -15.26 -18.18 28.91
N GLU D 203 -16.16 -17.22 28.80
CA GLU D 203 -17.39 -17.39 28.03
C GLU D 203 -16.99 -17.41 26.56
N PRO D 204 -17.71 -18.20 25.74
CA PRO D 204 -17.35 -18.41 24.32
C PRO D 204 -17.03 -17.09 23.59
N GLU D 205 -18.05 -16.25 23.44
CA GLU D 205 -17.91 -14.94 22.81
C GLU D 205 -17.10 -13.97 23.68
N ALA D 206 -16.27 -14.51 24.57
CA ALA D 206 -15.25 -13.74 25.26
C ALA D 206 -13.88 -14.32 24.89
N ALA D 207 -13.86 -15.64 24.68
CA ALA D 207 -12.67 -16.35 24.24
C ALA D 207 -12.32 -15.94 22.81
N ARG D 208 -13.37 -15.71 22.02
CA ARG D 208 -13.24 -15.39 20.63
C ARG D 208 -12.66 -14.00 20.46
N ASP D 209 -13.40 -13.00 20.95
CA ASP D 209 -13.00 -11.62 20.70
C ASP D 209 -11.74 -11.27 21.45
N ALA D 210 -11.43 -11.96 22.55
CA ALA D 210 -10.14 -11.75 23.20
C ALA D 210 -9.06 -12.05 22.18
N LEU D 211 -9.15 -13.23 21.58
CA LEU D 211 -8.22 -13.68 20.55
C LEU D 211 -8.28 -12.84 19.25
N LEU D 212 -9.40 -12.15 19.02
CA LEU D 212 -9.59 -11.36 17.79
C LEU D 212 -9.60 -9.85 17.99
N ALA D 213 -9.63 -9.39 19.24
CA ALA D 213 -9.80 -7.96 19.49
C ALA D 213 -8.67 -7.18 18.85
N GLU D 214 -7.46 -7.48 19.28
CA GLU D 214 -6.27 -6.78 18.83
C GLU D 214 -6.22 -6.56 17.31
N LYS D 215 -6.46 -7.62 16.55
CA LYS D 215 -6.15 -7.57 15.11
C LYS D 215 -7.35 -7.50 14.17
N GLN D 216 -8.49 -8.03 14.57
CA GLN D 216 -9.59 -8.17 13.62
C GLN D 216 -10.88 -7.49 14.11
N PRO D 217 -11.08 -6.22 13.69
CA PRO D 217 -12.20 -5.37 14.08
C PRO D 217 -13.59 -6.03 14.10
N SER D 218 -13.91 -6.91 13.16
CA SER D 218 -15.26 -7.48 13.16
C SER D 218 -15.55 -8.38 14.37
N ARG D 219 -14.49 -8.85 15.05
CA ARG D 219 -14.59 -9.85 16.11
C ARG D 219 -15.21 -11.16 15.61
N GLU D 220 -15.09 -11.42 14.32
CA GLU D 220 -15.63 -12.65 13.72
C GLU D 220 -14.62 -13.31 12.80
N PHE D 221 -14.69 -14.63 12.69
CA PHE D 221 -13.75 -15.35 11.85
C PHE D 221 -14.15 -15.34 10.40
N VAL D 222 -13.16 -15.33 9.54
CA VAL D 222 -13.33 -15.73 8.15
C VAL D 222 -13.55 -17.25 8.15
N THR D 223 -14.37 -17.77 7.25
CA THR D 223 -14.53 -19.22 7.18
C THR D 223 -13.85 -19.76 5.92
N PRO D 224 -13.42 -21.03 5.96
CA PRO D 224 -12.87 -21.65 4.75
C PRO D 224 -13.85 -21.60 3.58
N GLU D 225 -15.13 -21.61 3.90
CA GLU D 225 -16.16 -21.56 2.86
C GLU D 225 -16.24 -20.19 2.19
N GLN D 226 -16.08 -19.14 2.96
CA GLN D 226 -16.07 -17.80 2.40
C GLN D 226 -14.92 -17.65 1.40
N LEU D 227 -13.74 -18.14 1.80
CA LEU D 227 -12.53 -18.09 0.96
C LEU D 227 -12.73 -18.93 -0.30
N GLY D 228 -13.35 -20.09 -0.13
CA GLY D 228 -13.61 -20.98 -1.24
C GLY D 228 -14.50 -20.30 -2.26
N ASN D 229 -15.48 -19.53 -1.77
CA ASN D 229 -16.36 -18.81 -2.68
C ASN D 229 -15.63 -17.68 -3.40
N LEU D 230 -14.63 -17.09 -2.75
CA LEU D 230 -13.85 -16.01 -3.35
C LEU D 230 -12.92 -16.60 -4.44
N ALA D 231 -12.22 -17.69 -4.12
CA ALA D 231 -11.41 -18.40 -5.09
C ALA D 231 -12.23 -18.83 -6.30
N LEU D 232 -13.48 -19.22 -6.07
CA LEU D 232 -14.36 -19.62 -7.16
C LEU D 232 -14.68 -18.42 -8.04
N PHE D 233 -14.87 -17.25 -7.43
CA PHE D 233 -15.12 -16.05 -8.23
C PHE D 233 -13.88 -15.70 -9.05
N LEU D 234 -12.71 -15.93 -8.47
CA LEU D 234 -11.47 -15.67 -9.19
C LEU D 234 -11.33 -16.63 -10.37
N CYS D 235 -11.95 -17.81 -10.26
CA CYS D 235 -11.89 -18.76 -11.37
C CYS D 235 -12.90 -18.42 -12.44
N SER D 236 -13.86 -17.56 -12.14
CA SER D 236 -14.94 -17.28 -13.09
C SER D 236 -14.46 -16.38 -14.22
N ASP D 237 -15.27 -16.27 -15.26
CA ASP D 237 -14.94 -15.39 -16.38
C ASP D 237 -15.06 -13.93 -15.94
N GLY D 238 -15.92 -13.67 -14.95
CA GLY D 238 -16.09 -12.34 -14.40
C GLY D 238 -14.82 -11.80 -13.73
N ALA D 239 -13.84 -12.68 -13.55
CA ALA D 239 -12.53 -12.30 -13.01
C ALA D 239 -11.42 -12.32 -14.07
N ALA D 240 -11.79 -12.22 -15.34
CA ALA D 240 -10.83 -12.32 -16.44
C ALA D 240 -9.71 -11.28 -16.32
N GLN D 241 -10.05 -10.06 -15.93
CA GLN D 241 -9.03 -9.02 -15.76
C GLN D 241 -8.55 -8.78 -14.33
N VAL D 242 -8.92 -9.67 -13.40
CA VAL D 242 -8.28 -9.63 -12.07
C VAL D 242 -6.88 -10.23 -12.14
N ARG D 243 -5.86 -9.38 -12.02
CA ARG D 243 -4.47 -9.80 -12.17
C ARG D 243 -3.53 -9.09 -11.21
N GLY D 244 -2.60 -9.83 -10.63
CA GLY D 244 -1.63 -9.26 -9.70
C GLY D 244 -2.18 -8.64 -8.42
N VAL D 245 -3.30 -9.18 -7.90
CA VAL D 245 -3.94 -8.55 -6.77
C VAL D 245 -3.67 -9.29 -5.44
N ALA D 246 -3.72 -8.54 -4.35
CA ALA D 246 -3.66 -9.10 -3.01
C ALA D 246 -4.95 -8.74 -2.32
N TRP D 247 -5.95 -9.59 -2.48
CA TRP D 247 -7.27 -9.28 -1.97
C TRP D 247 -7.40 -9.77 -0.52
N ASN D 248 -7.62 -8.85 0.40
CA ASN D 248 -7.75 -9.24 1.79
C ASN D 248 -9.20 -9.50 2.19
N MET D 249 -9.41 -10.62 2.90
CA MET D 249 -10.69 -10.98 3.54
C MET D 249 -10.40 -11.18 5.03
N ASP D 250 -10.67 -10.17 5.87
CA ASP D 250 -9.91 -10.04 7.09
C ASP D 250 -10.63 -9.28 8.22
N GLY D 251 -11.93 -9.11 8.04
CA GLY D 251 -12.74 -8.41 9.03
C GLY D 251 -12.24 -7.03 9.43
N GLY D 252 -11.45 -6.37 8.57
CA GLY D 252 -11.05 -5.00 8.81
C GLY D 252 -9.62 -4.81 9.28
N TRP D 253 -8.86 -5.90 9.30
CA TRP D 253 -7.49 -5.89 9.78
C TRP D 253 -6.58 -4.87 9.09
N VAL D 254 -6.50 -4.91 7.75
CA VAL D 254 -5.59 -4.02 7.02
C VAL D 254 -6.15 -2.60 6.94
N ALA D 255 -7.48 -2.46 6.95
CA ALA D 255 -8.07 -1.11 6.96
C ALA D 255 -7.62 -0.33 8.21
N GLN D 256 -7.20 -1.07 9.23
CA GLN D 256 -6.79 -0.51 10.51
C GLN D 256 -5.26 -0.34 10.58
PA NAD E . -2.22 22.59 16.07
O1A NAD E . -3.62 22.83 16.56
O2A NAD E . -1.27 22.53 17.23
O5B NAD E . -1.78 23.81 15.08
C5B NAD E . -1.81 23.56 13.66
C4B NAD E . -2.14 24.90 12.87
O4B NAD E . -3.29 24.78 12.25
C3B NAD E . -2.29 26.10 13.79
O3B NAD E . -1.31 27.02 13.54
C2B NAD E . -3.71 26.65 13.46
O2B NAD E . -3.78 28.15 13.66
C1B NAD E . -3.85 26.30 12.24
N9A NAD E . -5.20 26.37 11.69
C8A NAD E . -6.33 25.68 12.00
N7A NAD E . -7.34 26.11 11.18
C5A NAD E . -6.82 27.06 10.37
C6A NAD E . -7.40 27.82 9.37
N6A NAD E . -8.73 27.80 8.92
N1A NAD E . -6.65 28.73 8.70
C2A NAD E . -5.33 28.89 9.01
N3A NAD E . -4.76 28.14 10.00
C4A NAD E . -5.51 27.22 10.68
O3 NAD E . -2.25 21.20 15.29
PN NAD E . -1.05 20.18 14.96
O1N NAD E . -1.13 19.05 16.00
O2N NAD E . 0.30 20.88 15.03
O5D NAD E . -1.31 19.54 13.50
C5D NAD E . -0.99 20.23 12.33
C4D NAD E . -0.98 19.29 11.10
O4D NAD E . -0.34 18.16 11.38
C3D NAD E . -2.37 18.88 10.70
O3D NAD E . -2.49 18.74 9.35
C2D NAD E . -2.54 17.52 11.44
O2D NAD E . -3.64 16.76 10.83
C1D NAD E . -1.42 16.97 11.22
N1N NAD E . -1.11 15.88 12.13
C2N NAD E . -1.10 16.07 13.49
C3N NAD E . -0.80 15.00 14.34
C7N NAD E . -0.78 15.20 15.89
O7N NAD E . -0.63 14.23 16.64
N7N NAD E . -0.95 16.54 16.44
C4N NAD E . -0.51 13.76 13.80
C5N NAD E . -0.53 13.58 12.45
C6N NAD E . -0.82 14.64 11.60
PA NAD F . -4.00 -26.30 8.34
O1A NAD F . -2.96 -26.98 9.19
O2A NAD F . -5.38 -26.64 8.84
O5B NAD F . -3.80 -26.84 6.83
C5B NAD F . -2.51 -26.58 6.24
C4B NAD F . -2.17 -27.67 5.14
O4B NAD F . -0.91 -27.57 4.82
C3B NAD F . -2.40 -29.06 5.68
O3B NAD F . -3.18 -29.78 4.82
C2B NAD F . -0.96 -29.66 5.80
O2B NAD F . -0.98 -31.17 5.60
C1B NAD F . -0.34 -29.08 4.84
N9A NAD F . 1.12 -29.04 4.99
C8A NAD F . 1.90 -28.54 5.98
N7A NAD F . 3.20 -28.74 5.64
C5A NAD F . 3.22 -29.35 4.43
C6A NAD F . 4.25 -29.77 3.64
N6A NAD F . 5.63 -29.66 3.92
N1A NAD F . 4.00 -30.36 2.46
C2A NAD F . 2.72 -30.56 2.04
N3A NAD F . 1.67 -30.14 2.83
C4A NAD F . 1.94 -29.53 4.02
O3 NAD F . -3.75 -24.73 8.41
PN NAD F . -4.54 -23.54 7.66
O1N NAD F . -5.00 -22.55 8.75
O2N NAD F . -5.73 -24.04 6.86
O5D NAD F . -3.49 -22.74 6.69
C5D NAD F . -3.55 -22.87 5.30
C4D NAD F . -3.01 -21.59 4.59
O4D NAD F . -3.80 -20.55 4.80
C3D NAD F . -1.65 -21.20 5.09
O3D NAD F . -0.86 -20.77 4.08
C2D NAD F . -1.96 -20.01 6.05
O2D NAD F . -0.77 -19.16 6.17
C1D NAD F . -2.89 -19.39 5.44
N1N NAD F . -3.64 -18.57 6.37
C2N NAD F . -4.22 -19.11 7.49
C3N NAD F . -4.93 -18.31 8.39
C7N NAD F . -5.62 -18.93 9.67
O7N NAD F . -6.17 -18.20 10.49
N7N NAD F . -5.60 -20.37 9.89
C4N NAD F . -5.04 -16.96 8.13
C5N NAD F . -4.45 -16.41 7.02
C6N NAD F . -3.75 -17.22 6.13
#